data_8S0N
#
_entry.id   8S0N
#
_cell.length_a   161.869
_cell.length_b   54.458
_cell.length_c   165.822
_cell.angle_alpha   90.000
_cell.angle_beta   108.393
_cell.angle_gamma   90.000
#
_symmetry.space_group_name_H-M   'C 1 2 1'
#
loop_
_entity.id
_entity.type
_entity.pdbx_description
1 polymer 'Transmembrane protease serine 2'
2 polymer 'nanobody A07'
3 water water
#
loop_
_entity_poly.entity_id
_entity_poly.type
_entity_poly.pdbx_seq_one_letter_code
_entity_poly.pdbx_strand_id
1 'polypeptide(L)'
;RSKFMGSKCSNSGIECDSSGTCINPSNWCDGVSHCPGGEDENRCVRLYGPNFILQVYSSQRKSWHPVCQDDWNENYGRAA
CRDMGYKNNFYSSQGIVDDSGSTSFMKLNTSAGNVDIYKKLYHSDACSSKAVVSLRCIACGVNLNSSRQSRIVGGESALP
GAWPWQVSLHVQNVHVCGGSIITPEWIVTAAHCVEKPLNNPWHWTAFAGILRQSFMFYGAGYQVEKVISHPNYDSKTKNN
DIALMKLQKPLTFNDLVKPVCLPNPGMMLQPEQLCWISGWGATEEKGKTSEVLNAAKVLLIETQRCNSRYVYDNLITPAM
ICAGFLQGNVDSCQGDAGGPLVTSKNNIWWLIGDTSWGSGCAKAYRPGVYGNVMVFTDWIYRQMRADGGPFEDDDDK
;
A,C
2 'polypeptide(L)'
;MGSSHHHHHHSSGGGQVQLVESGGGLVQPGGSLRLSCTSSGSPLEHYDIIWFRQAPGREREGVSSITTSGGHTNYADSVK
DRFTISRDNAKNVVYLQMNSLKPEDTAVYYCAGRVGGRRNWIVPLDGYDNAYWGQGTQVTVSSGGGSCSA
;
B,D
#
# COMPACT_ATOMS: atom_id res chain seq x y z
N CYS A 44 -21.75 -15.41 -24.53
CA CYS A 44 -21.09 -14.85 -23.36
C CYS A 44 -19.95 -13.91 -23.80
N VAL A 45 -20.00 -12.68 -23.30
CA VAL A 45 -19.05 -11.62 -23.63
C VAL A 45 -18.58 -11.00 -22.32
N ARG A 46 -17.35 -10.47 -22.31
CA ARG A 46 -16.86 -9.80 -21.11
C ARG A 46 -15.77 -8.81 -21.47
N LEU A 47 -15.49 -7.93 -20.51
CA LEU A 47 -14.35 -7.01 -20.54
C LEU A 47 -13.26 -7.47 -19.59
N TYR A 48 -12.05 -7.63 -20.10
CA TYR A 48 -10.93 -8.21 -19.38
C TYR A 48 -9.91 -7.13 -19.01
N GLY A 49 -9.53 -7.11 -17.74
CA GLY A 49 -8.42 -6.34 -17.24
C GLY A 49 -8.70 -4.85 -17.15
N PRO A 50 -7.71 -4.10 -16.66
CA PRO A 50 -7.92 -2.65 -16.45
C PRO A 50 -7.94 -1.83 -17.72
N ASN A 51 -7.65 -2.40 -18.89
CA ASN A 51 -7.81 -1.68 -20.15
C ASN A 51 -9.01 -2.17 -20.96
N PHE A 52 -9.93 -2.90 -20.33
CA PHE A 52 -11.24 -3.19 -20.91
C PHE A 52 -11.13 -3.92 -22.24
N ILE A 53 -10.29 -4.96 -22.30
CA ILE A 53 -10.16 -5.69 -23.55
C ILE A 53 -11.41 -6.53 -23.75
N LEU A 54 -12.10 -6.28 -24.87
CA LEU A 54 -13.29 -7.07 -25.17
C LEU A 54 -12.91 -8.50 -25.49
N GLN A 55 -13.52 -9.45 -24.79
CA GLN A 55 -13.26 -10.85 -25.01
C GLN A 55 -14.58 -11.58 -25.19
N VAL A 56 -14.51 -12.59 -26.06
CA VAL A 56 -15.62 -13.47 -26.40
C VAL A 56 -15.22 -14.89 -26.02
N TYR A 57 -16.17 -15.65 -25.49
CA TYR A 57 -15.89 -17.01 -25.09
C TYR A 57 -16.03 -17.87 -26.34
N SER A 58 -15.13 -18.81 -26.51
CA SER A 58 -15.16 -19.77 -27.60
C SER A 58 -15.49 -21.15 -27.04
N SER A 59 -16.70 -21.61 -27.38
CA SER A 59 -17.18 -22.92 -27.01
C SER A 59 -16.35 -23.99 -27.70
N GLN A 60 -15.87 -23.71 -28.91
CA GLN A 60 -14.98 -24.65 -29.58
C GLN A 60 -13.74 -24.88 -28.74
N ARG A 61 -13.02 -23.79 -28.45
CA ARG A 61 -11.79 -23.86 -27.67
C ARG A 61 -12.02 -23.82 -26.17
N LYS A 62 -13.26 -23.58 -25.72
CA LYS A 62 -13.59 -23.49 -24.29
C LYS A 62 -12.67 -22.49 -23.59
N SER A 63 -12.50 -21.32 -24.23
CA SER A 63 -11.57 -20.33 -23.70
C SER A 63 -11.94 -18.94 -24.19
N TRP A 64 -11.45 -17.91 -23.50
CA TRP A 64 -11.79 -16.53 -23.85
C TRP A 64 -10.72 -15.94 -24.75
N HIS A 65 -11.14 -15.11 -25.71
CA HIS A 65 -10.28 -14.54 -26.75
C HIS A 65 -10.63 -13.11 -27.11
N PRO A 66 -9.64 -12.23 -27.28
CA PRO A 66 -9.93 -10.84 -27.64
C PRO A 66 -10.43 -10.73 -29.07
N VAL A 67 -11.11 -9.62 -29.33
CA VAL A 67 -11.67 -9.30 -30.64
C VAL A 67 -10.71 -8.40 -31.40
N CYS A 68 -10.38 -8.79 -32.64
CA CYS A 68 -9.60 -7.92 -33.51
C CYS A 68 -10.36 -6.61 -33.70
N GLN A 69 -9.61 -5.50 -33.74
CA GLN A 69 -10.24 -4.24 -34.12
C GLN A 69 -10.78 -4.30 -35.54
N ASP A 70 -10.28 -5.23 -36.36
CA ASP A 70 -10.70 -5.42 -37.74
C ASP A 70 -12.23 -5.40 -37.87
N ASP A 71 -12.75 -4.42 -38.60
CA ASP A 71 -14.15 -4.29 -38.99
C ASP A 71 -15.08 -4.06 -37.80
N TRP A 72 -14.54 -3.90 -36.60
CA TRP A 72 -15.38 -3.57 -35.46
C TRP A 72 -15.83 -2.11 -35.57
N ASN A 73 -16.96 -1.78 -34.94
CA ASN A 73 -17.45 -0.40 -34.93
C ASN A 73 -18.31 -0.19 -33.69
N GLU A 74 -18.94 0.98 -33.61
CA GLU A 74 -19.67 1.32 -32.39
C GLU A 74 -20.93 0.47 -32.22
N ASN A 75 -21.59 0.12 -33.32
CA ASN A 75 -22.80 -0.70 -33.21
C ASN A 75 -22.50 -2.06 -32.59
N TYR A 76 -21.37 -2.67 -32.97
CA TYR A 76 -20.95 -3.92 -32.35
C TYR A 76 -20.64 -3.74 -30.87
N GLY A 77 -19.96 -2.64 -30.54
CA GLY A 77 -19.65 -2.36 -29.15
C GLY A 77 -20.89 -2.19 -28.31
N ARG A 78 -21.87 -1.46 -28.85
CA ARG A 78 -23.13 -1.26 -28.15
C ARG A 78 -23.88 -2.58 -27.99
N ALA A 79 -23.88 -3.42 -29.02
CA ALA A 79 -24.47 -4.75 -28.89
C ALA A 79 -23.85 -5.51 -27.73
N ALA A 80 -22.52 -5.50 -27.66
CA ALA A 80 -21.83 -6.22 -26.59
C ALA A 80 -22.18 -5.62 -25.22
N CYS A 81 -22.18 -4.30 -25.14
CA CYS A 81 -22.55 -3.63 -23.90
C CYS A 81 -23.96 -4.01 -23.45
N ARG A 82 -24.91 -4.04 -24.39
CA ARG A 82 -26.26 -4.47 -24.09
C ARG A 82 -26.22 -5.89 -23.54
N ASP A 83 -25.49 -6.77 -24.22
CA ASP A 83 -25.36 -8.17 -23.79
C ASP A 83 -24.78 -8.28 -22.39
N MET A 84 -23.95 -7.33 -21.99
CA MET A 84 -23.41 -7.35 -20.63
C MET A 84 -24.38 -6.79 -19.59
N GLY A 85 -25.52 -6.26 -19.99
CA GLY A 85 -26.48 -5.72 -19.06
C GLY A 85 -26.48 -4.22 -18.90
N TYR A 86 -25.65 -3.50 -19.66
CA TYR A 86 -25.55 -2.05 -19.51
C TYR A 86 -26.57 -1.29 -20.34
N LYS A 87 -27.50 -2.00 -20.97
CA LYS A 87 -28.66 -1.42 -21.64
C LYS A 87 -28.19 -0.48 -22.75
N ASN A 88 -28.45 0.81 -22.62
CA ASN A 88 -28.14 1.77 -23.67
C ASN A 88 -26.89 2.58 -23.38
N ASN A 89 -26.25 2.33 -22.23
CA ASN A 89 -25.00 3.00 -21.93
C ASN A 89 -23.93 2.55 -22.93
N PHE A 90 -23.08 3.50 -23.32
CA PHE A 90 -21.88 3.21 -24.09
C PHE A 90 -20.94 4.38 -23.88
N TYR A 91 -19.69 4.09 -23.51
CA TYR A 91 -18.74 5.16 -23.29
C TYR A 91 -17.74 5.29 -24.44
N SER A 92 -16.96 4.25 -24.72
CA SER A 92 -15.91 4.40 -25.72
C SER A 92 -15.45 3.03 -26.22
N SER A 93 -14.89 3.04 -27.43
CA SER A 93 -14.28 1.84 -27.99
C SER A 93 -13.12 2.27 -28.87
N GLN A 94 -11.95 1.70 -28.62
CA GLN A 94 -10.79 1.96 -29.47
C GLN A 94 -9.92 0.72 -29.57
N GLY A 95 -9.07 0.69 -30.59
CA GLY A 95 -8.08 -0.39 -30.69
C GLY A 95 -6.85 -0.11 -29.84
N ILE A 96 -6.34 -1.17 -29.20
CA ILE A 96 -5.13 -1.08 -28.38
C ILE A 96 -4.29 -2.32 -28.61
N VAL A 97 -3.02 -2.25 -28.20
CA VAL A 97 -2.15 -3.42 -28.16
C VAL A 97 -2.63 -4.40 -27.10
N ASP A 98 -2.80 -5.67 -27.48
CA ASP A 98 -3.29 -6.69 -26.57
C ASP A 98 -2.32 -6.90 -25.41
N ASP A 99 -2.71 -6.49 -24.20
CA ASP A 99 -1.96 -6.78 -22.99
C ASP A 99 -2.56 -7.93 -22.17
N SER A 100 -3.34 -8.80 -22.81
CA SER A 100 -3.96 -9.93 -22.13
C SER A 100 -3.17 -11.22 -22.24
N GLY A 101 -2.12 -11.27 -23.05
CA GLY A 101 -1.31 -12.46 -23.17
C GLY A 101 -1.78 -13.43 -24.22
N SER A 102 -2.97 -13.23 -24.79
CA SER A 102 -3.63 -14.22 -25.62
C SER A 102 -2.80 -14.54 -26.87
N THR A 103 -3.14 -15.67 -27.50
CA THR A 103 -2.39 -16.17 -28.64
C THR A 103 -3.29 -16.43 -29.84
N SER A 104 -4.61 -16.31 -29.68
CA SER A 104 -5.54 -16.38 -30.79
C SER A 104 -6.59 -15.30 -30.57
N PHE A 105 -7.15 -14.80 -31.67
CA PHE A 105 -7.99 -13.61 -31.64
C PHE A 105 -9.23 -13.86 -32.48
N MET A 106 -10.24 -13.03 -32.27
CA MET A 106 -11.45 -13.09 -33.08
C MET A 106 -11.42 -11.94 -34.07
N LYS A 107 -11.61 -12.26 -35.35
CA LYS A 107 -11.51 -11.30 -36.43
C LYS A 107 -12.84 -11.24 -37.17
N LEU A 108 -13.21 -10.05 -37.62
CA LEU A 108 -14.44 -9.80 -38.37
C LEU A 108 -15.66 -10.26 -37.59
N LYS A 120 -20.30 -13.73 -37.56
CA LYS A 120 -19.36 -12.99 -38.40
C LYS A 120 -17.95 -13.08 -37.84
N LEU A 121 -17.81 -13.32 -36.53
CA LEU A 121 -16.47 -13.41 -35.95
C LEU A 121 -15.92 -14.80 -36.23
N TYR A 122 -14.61 -14.87 -36.49
CA TYR A 122 -13.95 -16.16 -36.65
C TYR A 122 -12.57 -16.14 -36.02
N HIS A 123 -12.02 -17.33 -35.78
CA HIS A 123 -10.72 -17.43 -35.12
C HIS A 123 -9.63 -17.06 -36.12
N SER A 124 -8.66 -16.30 -35.65
CA SER A 124 -7.54 -15.86 -36.46
C SER A 124 -6.31 -15.83 -35.58
N ASP A 125 -5.18 -16.23 -36.15
CA ASP A 125 -3.94 -16.23 -35.40
C ASP A 125 -3.36 -14.83 -35.29
N ALA A 126 -3.82 -13.90 -36.13
CA ALA A 126 -3.35 -12.53 -36.13
C ALA A 126 -4.52 -11.61 -36.47
N CYS A 127 -4.37 -10.34 -36.07
CA CYS A 127 -5.26 -9.26 -36.44
C CYS A 127 -4.57 -8.40 -37.48
N SER A 128 -5.27 -8.11 -38.59
CA SER A 128 -4.64 -7.32 -39.63
C SER A 128 -4.30 -5.92 -39.15
N SER A 129 -5.11 -5.36 -38.27
CA SER A 129 -4.79 -4.06 -37.72
C SER A 129 -3.86 -4.16 -36.51
N LYS A 130 -3.49 -5.36 -36.11
CA LYS A 130 -2.53 -5.56 -35.01
C LYS A 130 -2.98 -4.87 -33.73
N ALA A 131 -4.29 -4.86 -33.50
CA ALA A 131 -4.85 -4.29 -32.28
C ALA A 131 -6.13 -5.04 -31.95
N VAL A 132 -6.52 -4.97 -30.69
CA VAL A 132 -7.75 -5.56 -30.18
C VAL A 132 -8.66 -4.48 -29.60
N VAL A 133 -9.94 -4.82 -29.52
CA VAL A 133 -10.98 -3.88 -29.12
C VAL A 133 -10.90 -3.66 -27.62
N SER A 134 -10.85 -2.39 -27.21
CA SER A 134 -11.05 -1.98 -25.84
C SER A 134 -12.37 -1.24 -25.77
N LEU A 135 -13.25 -1.68 -24.87
CA LEU A 135 -14.65 -1.30 -24.87
C LEU A 135 -15.07 -0.92 -23.45
N ARG A 136 -15.59 0.29 -23.31
CA ARG A 136 -16.12 0.78 -22.04
C ARG A 136 -17.59 1.10 -22.28
N CYS A 137 -18.46 0.46 -21.49
CA CYS A 137 -19.90 0.58 -21.65
C CYS A 137 -20.51 1.72 -20.85
N ILE A 138 -19.77 2.31 -19.92
CA ILE A 138 -20.31 3.39 -19.11
C ILE A 138 -19.16 4.25 -18.62
N ALA A 139 -19.39 5.56 -18.56
CA ALA A 139 -18.43 6.44 -17.94
C ALA A 139 -18.45 6.19 -16.44
N CYS A 140 -17.33 5.75 -15.89
CA CYS A 140 -17.28 5.38 -14.48
C CYS A 140 -15.86 5.57 -13.97
N GLY A 141 -15.71 5.47 -12.65
CA GLY A 141 -14.38 5.47 -12.08
C GLY A 141 -13.70 6.81 -12.07
N VAL A 142 -14.46 7.90 -12.18
CA VAL A 142 -13.94 9.26 -12.13
C VAL A 142 -14.46 9.91 -10.86
N ASN A 143 -13.57 10.62 -10.17
CA ASN A 143 -13.87 11.41 -8.99
C ASN A 143 -13.21 12.77 -9.10
N LEU A 144 -13.25 13.54 -8.01
CA LEU A 144 -12.58 14.83 -7.99
C LEU A 144 -11.07 14.62 -7.97
N ASN A 145 -10.41 15.20 -8.98
CA ASN A 145 -8.97 15.09 -9.20
C ASN A 145 -8.57 13.64 -9.51
N GLU A 156 -10.69 13.96 8.53
CA GLU A 156 -10.50 13.54 7.15
C GLU A 156 -11.81 13.59 6.38
N SER A 157 -12.47 14.76 6.44
CA SER A 157 -13.80 14.93 5.88
C SER A 157 -13.72 14.94 4.37
N ALA A 158 -14.66 14.26 3.71
CA ALA A 158 -14.56 14.11 2.27
C ALA A 158 -15.13 15.36 1.60
N LEU A 159 -14.51 15.75 0.49
CA LEU A 159 -15.00 16.85 -0.31
C LEU A 159 -16.15 16.43 -1.22
N PRO A 160 -17.00 17.38 -1.62
CA PRO A 160 -18.01 17.09 -2.64
C PRO A 160 -17.33 16.55 -3.88
N GLY A 161 -17.89 15.46 -4.42
CA GLY A 161 -17.36 14.89 -5.63
C GLY A 161 -16.13 14.03 -5.44
N ALA A 162 -15.62 13.92 -4.21
CA ALA A 162 -14.48 13.03 -3.95
C ALA A 162 -14.87 11.57 -4.14
N TRP A 163 -16.04 11.19 -3.64
CA TRP A 163 -16.54 9.81 -3.68
C TRP A 163 -17.96 9.85 -4.23
N PRO A 164 -18.12 10.16 -5.52
CA PRO A 164 -19.46 10.48 -6.04
C PRO A 164 -20.35 9.27 -6.23
N TRP A 165 -19.82 8.06 -6.07
CA TRP A 165 -20.63 6.85 -6.12
C TRP A 165 -21.21 6.50 -4.76
N GLN A 166 -20.81 7.21 -3.70
CA GLN A 166 -21.22 6.88 -2.35
C GLN A 166 -22.68 7.25 -2.15
N VAL A 167 -23.49 6.30 -1.67
CA VAL A 167 -24.83 6.67 -1.25
C VAL A 167 -25.02 6.22 0.19
N SER A 168 -26.00 6.86 0.83
CA SER A 168 -26.44 6.53 2.17
C SER A 168 -27.84 5.92 2.07
N LEU A 169 -28.04 4.76 2.68
CA LEU A 169 -29.30 4.04 2.58
C LEU A 169 -29.98 4.11 3.94
N HIS A 170 -31.20 4.65 3.94
CA HIS A 170 -31.98 4.93 5.14
C HIS A 170 -33.24 4.09 5.21
N VAL A 171 -33.59 3.74 6.45
CA VAL A 171 -34.90 3.20 6.80
C VAL A 171 -35.38 3.98 8.00
N GLN A 172 -36.68 4.29 8.05
CA GLN A 172 -37.26 4.97 9.20
C GLN A 172 -36.47 6.22 9.59
N ASN A 173 -36.06 6.97 8.56
CA ASN A 173 -35.36 8.25 8.75
C ASN A 173 -34.01 8.08 9.43
N VAL A 174 -33.41 6.90 9.30
CA VAL A 174 -32.17 6.53 9.97
C VAL A 174 -31.23 5.95 8.93
N HIS A 175 -29.98 6.43 8.91
CA HIS A 175 -28.94 5.79 8.10
C HIS A 175 -28.71 4.37 8.57
N VAL A 176 -28.93 3.40 7.69
CA VAL A 176 -28.74 1.99 8.00
C VAL A 176 -27.52 1.41 7.31
N CYS A 177 -27.28 1.80 6.05
CA CYS A 177 -26.20 1.18 5.29
C CYS A 177 -25.60 2.17 4.32
N GLY A 178 -24.50 1.77 3.68
CA GLY A 178 -23.94 2.51 2.58
C GLY A 178 -24.13 1.74 1.28
N GLY A 179 -23.80 2.40 0.17
CA GLY A 179 -23.82 1.69 -1.09
C GLY A 179 -23.00 2.40 -2.14
N SER A 180 -22.91 1.76 -3.30
CA SER A 180 -22.11 2.28 -4.41
C SER A 180 -22.92 2.29 -5.70
N ILE A 181 -22.95 3.46 -6.37
CA ILE A 181 -23.65 3.61 -7.64
C ILE A 181 -22.83 2.94 -8.74
N ILE A 182 -23.46 2.06 -9.51
CA ILE A 182 -22.78 1.51 -10.69
C ILE A 182 -23.47 1.88 -12.00
N THR A 183 -24.76 2.20 -12.00
CA THR A 183 -25.44 2.76 -13.17
C THR A 183 -26.38 3.84 -12.64
N PRO A 184 -27.06 4.62 -13.49
CA PRO A 184 -28.04 5.58 -12.93
C PRO A 184 -29.14 4.92 -12.12
N GLU A 185 -29.34 3.62 -12.26
CA GLU A 185 -30.42 2.93 -11.58
C GLU A 185 -29.96 1.90 -10.54
N TRP A 186 -28.72 1.43 -10.59
CA TRP A 186 -28.29 0.28 -9.80
C TRP A 186 -27.25 0.67 -8.75
N ILE A 187 -27.44 0.13 -7.54
CA ILE A 187 -26.56 0.34 -6.41
C ILE A 187 -26.13 -1.02 -5.86
N VAL A 188 -24.83 -1.18 -5.63
CA VAL A 188 -24.29 -2.35 -4.95
C VAL A 188 -24.28 -2.07 -3.45
N THR A 189 -24.75 -3.03 -2.66
CA THR A 189 -24.69 -2.94 -1.20
C THR A 189 -24.51 -4.35 -0.65
N ALA A 190 -24.68 -4.51 0.67
CA ALA A 190 -24.52 -5.80 1.32
C ALA A 190 -25.87 -6.50 1.45
N ALA A 191 -25.86 -7.82 1.26
CA ALA A 191 -27.08 -8.59 1.46
C ALA A 191 -27.58 -8.50 2.90
N HIS A 192 -26.69 -8.42 3.89
CA HIS A 192 -27.18 -8.40 5.26
C HIS A 192 -27.85 -7.08 5.60
N CYS A 193 -27.62 -6.04 4.80
CA CYS A 193 -28.39 -4.80 4.97
C CYS A 193 -29.88 -5.06 4.80
N VAL A 194 -30.25 -5.93 3.87
CA VAL A 194 -31.65 -6.03 3.49
C VAL A 194 -32.28 -7.32 4.03
N GLU A 195 -31.62 -7.92 5.02
CA GLU A 195 -32.19 -9.02 5.80
C GLU A 195 -33.46 -8.55 6.49
N LYS A 196 -34.43 -9.44 6.60
CA LYS A 196 -35.63 -9.09 7.32
C LYS A 196 -35.27 -8.52 8.70
N PRO A 197 -35.98 -7.49 9.17
CA PRO A 197 -37.25 -6.95 8.65
C PRO A 197 -37.07 -5.88 7.56
N LEU A 198 -35.86 -5.70 7.00
CA LEU A 198 -35.59 -4.69 6.00
C LEU A 198 -35.54 -5.23 4.56
N ASN A 199 -36.26 -6.30 4.24
CA ASN A 199 -36.24 -6.80 2.87
C ASN A 199 -37.24 -6.14 1.93
N ASN A 200 -38.19 -5.36 2.43
CA ASN A 200 -39.17 -4.72 1.56
C ASN A 200 -38.51 -3.49 0.94
N PRO A 201 -38.48 -3.36 -0.40
CA PRO A 201 -37.82 -2.18 -0.99
C PRO A 201 -38.45 -0.87 -0.58
N TRP A 202 -39.72 -0.87 -0.22
CA TRP A 202 -40.42 0.35 0.15
C TRP A 202 -39.93 0.93 1.47
N HIS A 203 -39.19 0.14 2.26
CA HIS A 203 -38.61 0.65 3.50
C HIS A 203 -37.48 1.62 3.26
N TRP A 204 -36.85 1.57 2.08
CA TRP A 204 -35.54 2.16 1.87
C TRP A 204 -35.61 3.47 1.10
N THR A 205 -34.72 4.39 1.47
CA THR A 205 -34.41 5.56 0.66
C THR A 205 -32.92 5.67 0.43
N ALA A 206 -32.51 6.05 -0.79
CA ALA A 206 -31.11 6.25 -1.11
C ALA A 206 -30.84 7.75 -1.24
N PHE A 207 -29.77 8.22 -0.61
CA PHE A 207 -29.35 9.61 -0.69
C PHE A 207 -27.99 9.67 -1.36
N ALA A 208 -27.92 10.42 -2.46
CA ALA A 208 -26.73 10.55 -3.28
C ALA A 208 -26.33 12.03 -3.34
N GLY A 209 -25.02 12.26 -3.43
CA GLY A 209 -24.52 13.61 -3.63
C GLY A 209 -24.60 14.52 -2.43
N ILE A 210 -24.91 13.97 -1.24
CA ILE A 210 -25.10 14.76 -0.03
C ILE A 210 -24.10 14.27 1.01
N LEU A 211 -23.32 15.19 1.55
CA LEU A 211 -22.28 14.81 2.50
C LEU A 211 -22.76 14.74 3.94
N ARG A 212 -23.78 15.51 4.30
CA ARG A 212 -24.23 15.64 5.68
C ARG A 212 -25.51 14.85 5.89
N GLN A 213 -25.50 13.99 6.91
CA GLN A 213 -26.70 13.24 7.28
C GLN A 213 -27.89 14.15 7.56
N SER A 214 -27.65 15.34 8.11
CA SER A 214 -28.78 16.19 8.46
C SER A 214 -29.52 16.72 7.24
N PHE A 215 -28.91 16.69 6.06
CA PHE A 215 -29.59 17.09 4.84
C PHE A 215 -30.20 15.92 4.07
N MET A 216 -30.21 14.74 4.68
CA MET A 216 -30.86 13.56 4.11
C MET A 216 -32.21 13.37 4.79
N PHE A 217 -33.21 14.11 4.31
CA PHE A 217 -34.54 14.09 4.90
C PHE A 217 -35.57 13.71 3.85
N TYR A 218 -36.79 13.48 4.30
CA TYR A 218 -37.85 13.04 3.40
C TYR A 218 -38.03 14.04 2.27
N GLY A 219 -37.86 13.58 1.03
CA GLY A 219 -37.93 14.41 -0.15
C GLY A 219 -36.58 14.66 -0.80
N ALA A 220 -35.49 14.43 -0.09
CA ALA A 220 -34.16 14.73 -0.61
C ALA A 220 -33.52 13.53 -1.29
N GLY A 221 -34.07 12.32 -1.08
CA GLY A 221 -33.49 11.11 -1.61
C GLY A 221 -34.28 10.52 -2.75
N TYR A 222 -34.04 9.24 -3.00
CA TYR A 222 -34.59 8.53 -4.14
C TYR A 222 -35.23 7.24 -3.65
N GLN A 223 -36.42 6.95 -4.18
CA GLN A 223 -37.12 5.72 -3.81
C GLN A 223 -36.46 4.51 -4.47
N VAL A 224 -36.53 3.38 -3.76
CA VAL A 224 -35.92 2.14 -4.22
C VAL A 224 -37.05 1.28 -4.78
N GLU A 225 -36.81 0.71 -5.95
CA GLU A 225 -37.83 -0.11 -6.60
C GLU A 225 -37.63 -1.59 -6.34
N LYS A 226 -36.38 -2.05 -6.31
CA LYS A 226 -36.12 -3.48 -6.19
C LYS A 226 -34.93 -3.71 -5.26
N VAL A 227 -35.01 -4.80 -4.50
CA VAL A 227 -33.90 -5.29 -3.70
C VAL A 227 -33.67 -6.73 -4.09
N ILE A 228 -32.45 -7.06 -4.52
CA ILE A 228 -32.10 -8.40 -4.95
C ILE A 228 -30.88 -8.84 -4.16
N SER A 229 -31.04 -9.84 -3.30
CA SER A 229 -29.91 -10.41 -2.59
C SER A 229 -29.31 -11.53 -3.43
N HIS A 230 -28.01 -11.74 -3.24
CA HIS A 230 -27.36 -12.86 -3.91
C HIS A 230 -28.08 -14.14 -3.54
N PRO A 231 -28.42 -14.98 -4.52
CA PRO A 231 -29.23 -16.18 -4.21
C PRO A 231 -28.51 -17.18 -3.32
N ASN A 232 -27.19 -17.12 -3.22
CA ASN A 232 -26.43 -17.99 -2.34
C ASN A 232 -25.97 -17.29 -1.08
N TYR A 233 -26.51 -16.10 -0.78
CA TYR A 233 -26.25 -15.45 0.49
C TYR A 233 -26.59 -16.38 1.65
N ASP A 234 -25.66 -16.52 2.58
CA ASP A 234 -25.86 -17.34 3.78
C ASP A 234 -25.69 -16.44 4.99
N SER A 235 -26.82 -16.11 5.65
CA SER A 235 -26.76 -15.17 6.77
C SER A 235 -26.01 -15.75 7.96
N LYS A 236 -25.88 -17.08 8.03
CA LYS A 236 -25.20 -17.73 9.14
C LYS A 236 -23.71 -17.41 9.11
N THR A 237 -23.11 -17.44 7.93
CA THR A 237 -21.69 -17.20 7.75
C THR A 237 -21.39 -15.84 7.12
N LYS A 238 -22.42 -15.11 6.68
CA LYS A 238 -22.31 -13.89 5.88
C LYS A 238 -21.57 -14.14 4.57
N ASN A 239 -21.53 -15.39 4.11
CA ASN A 239 -21.00 -15.69 2.80
C ASN A 239 -21.87 -15.11 1.69
N ASN A 240 -21.22 -14.63 0.63
CA ASN A 240 -21.89 -14.02 -0.52
C ASN A 240 -22.72 -12.81 -0.10
N ASP A 241 -22.09 -11.89 0.63
CA ASP A 241 -22.81 -10.79 1.26
C ASP A 241 -22.82 -9.61 0.30
N ILE A 242 -23.69 -9.71 -0.71
CA ILE A 242 -23.83 -8.66 -1.72
C ILE A 242 -25.29 -8.62 -2.16
N ALA A 243 -25.76 -7.42 -2.49
CA ALA A 243 -27.12 -7.22 -2.96
C ALA A 243 -27.12 -6.04 -3.91
N LEU A 244 -28.17 -5.97 -4.72
CA LEU A 244 -28.40 -4.86 -5.64
C LEU A 244 -29.68 -4.15 -5.25
N MET A 245 -29.66 -2.83 -5.33
CA MET A 245 -30.86 -2.01 -5.21
C MET A 245 -31.10 -1.31 -6.54
N LYS A 246 -32.31 -1.42 -7.06
CA LYS A 246 -32.70 -0.68 -8.25
C LYS A 246 -33.60 0.46 -7.81
N LEU A 247 -33.26 1.67 -8.23
CA LEU A 247 -34.02 2.87 -7.95
C LEU A 247 -35.24 2.97 -8.87
N GLN A 248 -36.30 3.59 -8.36
CA GLN A 248 -37.50 3.77 -9.18
C GLN A 248 -37.24 4.73 -10.32
N LYS A 249 -36.40 5.74 -10.10
CA LYS A 249 -36.05 6.63 -11.20
C LYS A 249 -34.53 6.63 -11.39
N PRO A 250 -34.02 6.85 -12.61
CA PRO A 250 -32.58 6.97 -12.81
C PRO A 250 -32.06 8.25 -12.20
N LEU A 251 -30.89 8.15 -11.56
CA LEU A 251 -30.15 9.31 -11.07
C LEU A 251 -29.64 10.19 -12.21
N THR A 252 -29.61 11.50 -11.97
CA THR A 252 -28.92 12.42 -12.86
C THR A 252 -27.48 12.58 -12.40
N PHE A 253 -26.54 12.29 -13.30
CA PHE A 253 -25.13 12.35 -12.95
C PHE A 253 -24.60 13.75 -13.18
N ASN A 254 -23.63 14.13 -12.34
CA ASN A 254 -23.00 15.45 -12.38
C ASN A 254 -21.66 15.32 -11.68
N ASP A 255 -21.07 16.45 -11.29
CA ASP A 255 -19.81 16.41 -10.58
C ASP A 255 -19.93 15.70 -9.24
N LEU A 256 -21.12 15.68 -8.65
CA LEU A 256 -21.30 15.17 -7.30
C LEU A 256 -21.81 13.74 -7.25
N VAL A 257 -22.37 13.23 -8.36
CA VAL A 257 -23.01 11.92 -8.42
C VAL A 257 -22.53 11.24 -9.70
N LYS A 258 -21.77 10.16 -9.55
CA LYS A 258 -21.19 9.42 -10.67
C LYS A 258 -20.98 7.99 -10.22
N PRO A 259 -20.88 7.04 -11.16
CA PRO A 259 -20.70 5.64 -10.78
C PRO A 259 -19.24 5.24 -10.62
N VAL A 260 -19.03 4.21 -9.81
CA VAL A 260 -17.76 3.51 -9.73
C VAL A 260 -17.78 2.38 -10.75
N CYS A 261 -16.61 1.99 -11.26
CA CYS A 261 -16.57 0.90 -12.23
C CYS A 261 -16.60 -0.44 -11.53
N LEU A 262 -17.35 -1.38 -12.11
CA LEU A 262 -17.29 -2.76 -11.68
C LEU A 262 -15.95 -3.37 -12.08
N PRO A 263 -15.40 -4.26 -11.25
CA PRO A 263 -14.09 -4.84 -11.58
C PRO A 263 -14.20 -5.86 -12.70
N ASN A 264 -13.16 -5.93 -13.50
CA ASN A 264 -13.06 -6.87 -14.59
C ASN A 264 -12.22 -8.07 -14.18
N PRO A 265 -12.48 -9.26 -14.73
CA PRO A 265 -11.49 -10.34 -14.64
C PRO A 265 -10.11 -9.81 -14.96
N GLY A 266 -9.09 -10.29 -14.25
CA GLY A 266 -7.74 -9.95 -14.63
C GLY A 266 -7.28 -8.60 -14.14
N MET A 267 -7.80 -8.11 -13.00
CA MET A 267 -7.34 -6.84 -12.48
C MET A 267 -5.89 -6.93 -12.01
N MET A 268 -5.45 -8.13 -11.65
CA MET A 268 -4.08 -8.39 -11.21
C MET A 268 -3.68 -7.46 -10.06
N LEU A 269 -4.56 -7.39 -9.05
CA LEU A 269 -4.29 -6.51 -7.92
C LEU A 269 -3.14 -7.07 -7.08
N GLN A 270 -2.37 -6.16 -6.50
CA GLN A 270 -1.25 -6.57 -5.69
C GLN A 270 -1.76 -7.21 -4.39
N PRO A 271 -0.96 -8.11 -3.80
CA PRO A 271 -1.36 -8.73 -2.53
C PRO A 271 -1.79 -7.74 -1.46
N GLU A 272 -1.05 -6.65 -1.30
CA GLU A 272 -1.45 -5.60 -0.37
C GLU A 272 -1.82 -4.31 -1.10
N GLN A 273 -2.65 -4.44 -2.13
CA GLN A 273 -3.10 -3.30 -2.92
C GLN A 273 -3.63 -2.19 -2.03
N LEU A 274 -3.27 -0.96 -2.36
CA LEU A 274 -3.76 0.23 -1.65
C LEU A 274 -5.19 0.51 -2.07
N CYS A 275 -6.10 0.60 -1.10
CA CYS A 275 -7.50 0.85 -1.38
C CYS A 275 -8.00 1.97 -0.48
N TRP A 276 -9.23 2.40 -0.77
CA TRP A 276 -9.91 3.42 0.01
C TRP A 276 -11.29 2.94 0.43
N ILE A 277 -11.71 3.36 1.61
CA ILE A 277 -13.07 3.15 2.07
C ILE A 277 -13.65 4.52 2.39
N SER A 278 -14.96 4.64 2.23
CA SER A 278 -15.64 5.89 2.53
C SER A 278 -16.96 5.50 3.19
N GLY A 279 -17.50 6.42 3.98
CA GLY A 279 -18.76 6.17 4.62
C GLY A 279 -18.99 7.15 5.74
N TRP A 280 -20.16 7.04 6.35
CA TRP A 280 -20.50 7.82 7.53
C TRP A 280 -20.38 7.01 8.82
N GLY A 281 -19.69 5.88 8.80
CA GLY A 281 -19.62 5.08 10.01
C GLY A 281 -18.97 5.80 11.17
N ALA A 282 -19.41 5.42 12.37
CA ALA A 282 -18.87 5.89 13.64
C ALA A 282 -17.35 5.82 13.65
N THR A 283 -16.71 6.79 14.31
CA THR A 283 -15.27 6.68 14.44
C THR A 283 -14.98 5.90 15.72
N GLU A 284 -15.77 6.18 16.75
CA GLU A 284 -15.61 5.60 18.06
C GLU A 284 -16.49 4.34 18.14
N GLU A 285 -15.94 3.28 18.72
CA GLU A 285 -16.69 2.03 18.87
C GLU A 285 -18.07 2.28 19.46
N LYS A 286 -18.14 3.10 20.49
CA LYS A 286 -19.38 3.40 21.18
C LYS A 286 -19.97 4.70 20.64
N GLY A 287 -20.28 4.73 19.34
CA GLY A 287 -20.79 5.97 18.80
C GLY A 287 -21.80 5.86 17.70
N LYS A 288 -22.37 7.01 17.40
CA LYS A 288 -23.38 7.27 16.39
C LYS A 288 -22.77 7.55 15.02
N THR A 289 -23.61 7.39 14.00
CA THR A 289 -23.25 7.70 12.63
C THR A 289 -22.63 9.09 12.53
N SER A 290 -21.52 9.17 11.80
CA SER A 290 -20.91 10.47 11.55
C SER A 290 -21.87 11.37 10.78
N GLU A 291 -21.93 12.63 11.19
CA GLU A 291 -22.73 13.61 10.45
C GLU A 291 -22.21 13.80 9.03
N VAL A 292 -20.88 13.77 8.85
CA VAL A 292 -20.31 14.10 7.55
C VAL A 292 -19.63 12.85 6.97
N LEU A 293 -19.56 12.82 5.64
CA LEU A 293 -18.88 11.72 4.95
C LEU A 293 -17.39 11.76 5.20
N ASN A 294 -16.82 10.60 5.54
CA ASN A 294 -15.40 10.41 5.78
C ASN A 294 -14.84 9.34 4.85
N ALA A 295 -13.51 9.28 4.77
CA ALA A 295 -12.83 8.31 3.94
C ALA A 295 -11.46 8.03 4.55
N ALA A 296 -10.91 6.86 4.22
CA ALA A 296 -9.63 6.43 4.77
C ALA A 296 -8.94 5.45 3.82
N LYS A 297 -7.61 5.40 3.95
CA LYS A 297 -6.78 4.44 3.25
C LYS A 297 -6.74 3.12 4.01
N VAL A 298 -6.75 2.00 3.27
CA VAL A 298 -6.56 0.67 3.84
C VAL A 298 -5.72 -0.16 2.87
N LEU A 299 -5.03 -1.18 3.37
CA LEU A 299 -4.32 -2.09 2.48
C LEU A 299 -5.10 -3.39 2.42
N LEU A 300 -5.13 -4.01 1.24
CA LEU A 300 -5.61 -5.39 1.17
C LEU A 300 -4.74 -6.29 2.04
N ILE A 301 -5.36 -7.31 2.62
CA ILE A 301 -4.67 -8.31 3.42
C ILE A 301 -4.95 -9.66 2.80
N GLU A 302 -3.88 -10.41 2.52
CA GLU A 302 -4.02 -11.70 1.86
C GLU A 302 -4.92 -12.61 2.69
N THR A 303 -5.82 -13.32 2.00
CA THR A 303 -6.81 -14.14 2.70
C THR A 303 -6.14 -15.16 3.61
N GLN A 304 -5.03 -15.75 3.16
CA GLN A 304 -4.30 -16.69 4.01
C GLN A 304 -3.84 -16.03 5.30
N ARG A 305 -3.46 -14.75 5.24
CA ARG A 305 -3.04 -14.06 6.46
C ARG A 305 -4.26 -13.68 7.29
N CYS A 306 -5.35 -13.28 6.62
CA CYS A 306 -6.59 -12.97 7.33
C CYS A 306 -7.17 -14.18 8.04
N ASN A 307 -6.85 -15.38 7.56
CA ASN A 307 -7.40 -16.60 8.13
C ASN A 307 -6.53 -17.17 9.24
N SER A 308 -5.45 -16.47 9.61
CA SER A 308 -4.63 -16.81 10.78
C SER A 308 -5.49 -17.05 12.01
N ARG A 309 -5.04 -17.97 12.88
CA ARG A 309 -5.76 -18.24 14.12
C ARG A 309 -5.93 -17.02 15.03
N TYR A 310 -5.11 -15.99 14.87
CA TYR A 310 -5.20 -14.76 15.64
C TYR A 310 -6.01 -13.67 14.94
N VAL A 311 -6.50 -13.93 13.75
CA VAL A 311 -7.31 -12.95 13.05
C VAL A 311 -8.68 -13.61 12.92
N TYR A 312 -9.05 -14.10 11.75
CA TYR A 312 -10.40 -14.65 11.61
C TYR A 312 -10.47 -16.16 11.50
N ASP A 313 -9.35 -16.86 11.59
CA ASP A 313 -9.30 -18.32 11.83
C ASP A 313 -10.26 -19.09 10.93
N ASN A 314 -10.05 -18.93 9.62
CA ASN A 314 -10.75 -19.70 8.58
C ASN A 314 -12.21 -19.30 8.38
N LEU A 315 -12.63 -18.13 8.87
CA LEU A 315 -13.96 -17.64 8.48
C LEU A 315 -13.97 -16.91 7.15
N ILE A 316 -12.82 -16.64 6.54
CA ILE A 316 -12.77 -15.87 5.30
C ILE A 316 -12.86 -16.83 4.12
N THR A 317 -13.96 -16.74 3.40
CA THR A 317 -14.24 -17.60 2.26
C THR A 317 -13.75 -16.95 0.97
N PRO A 318 -13.76 -17.68 -0.15
CA PRO A 318 -13.36 -17.06 -1.42
C PRO A 318 -14.24 -15.90 -1.84
N ALA A 319 -15.44 -15.77 -1.28
CA ALA A 319 -16.31 -14.64 -1.57
C ALA A 319 -16.08 -13.46 -0.64
N MET A 320 -14.99 -13.48 0.13
CA MET A 320 -14.65 -12.40 1.04
C MET A 320 -13.22 -11.95 0.76
N ILE A 321 -12.95 -10.67 1.05
CA ILE A 321 -11.58 -10.15 1.11
C ILE A 321 -11.43 -9.32 2.37
N CYS A 322 -10.21 -9.27 2.87
CA CYS A 322 -9.87 -8.48 4.05
C CYS A 322 -9.13 -7.20 3.67
N ALA A 323 -9.40 -6.13 4.41
CA ALA A 323 -8.70 -4.87 4.19
C ALA A 323 -8.60 -4.10 5.49
N GLY A 324 -7.49 -3.36 5.62
CA GLY A 324 -7.24 -2.51 6.77
C GLY A 324 -5.77 -2.53 7.08
N PHE A 325 -5.46 -2.66 8.37
CA PHE A 325 -4.10 -2.80 8.89
C PHE A 325 -4.20 -3.74 10.08
N LEU A 326 -3.39 -4.80 10.09
CA LEU A 326 -3.38 -5.73 11.21
C LEU A 326 -2.91 -5.06 12.50
N GLN A 327 -1.81 -4.33 12.44
CA GLN A 327 -1.13 -3.84 13.64
C GLN A 327 -1.55 -2.40 13.95
N GLY A 328 -2.03 -2.18 15.16
CA GLY A 328 -2.40 -0.87 15.63
C GLY A 328 -3.85 -0.52 15.36
N ASN A 329 -4.36 0.44 16.13
CA ASN A 329 -5.73 0.91 15.99
C ASN A 329 -5.70 2.09 15.02
N VAL A 330 -5.89 1.78 13.73
CA VAL A 330 -5.81 2.81 12.69
C VAL A 330 -7.16 3.49 12.46
N ASP A 331 -8.20 3.09 13.21
CA ASP A 331 -9.53 3.66 13.11
C ASP A 331 -10.03 3.64 11.65
N SER A 332 -10.14 2.44 11.11
CA SER A 332 -10.75 2.22 9.81
C SER A 332 -12.26 2.02 9.93
N CYS A 333 -12.90 2.82 10.78
CA CYS A 333 -14.32 2.69 11.07
C CYS A 333 -15.17 3.59 10.20
N GLN A 334 -14.57 4.31 9.25
CA GLN A 334 -15.33 5.26 8.45
C GLN A 334 -16.36 4.58 7.57
N GLY A 335 -16.17 3.30 7.23
CA GLY A 335 -17.09 2.62 6.35
C GLY A 335 -18.37 2.21 7.04
N ASP A 336 -19.44 2.16 6.24
CA ASP A 336 -20.74 1.63 6.64
C ASP A 336 -20.91 0.25 6.03
N ALA A 337 -21.78 -0.55 6.64
CA ALA A 337 -22.14 -1.82 6.02
C ALA A 337 -22.61 -1.57 4.60
N GLY A 338 -22.13 -2.38 3.66
CA GLY A 338 -22.55 -2.20 2.29
C GLY A 338 -21.77 -1.16 1.52
N GLY A 339 -20.97 -0.32 2.19
CA GLY A 339 -20.31 0.76 1.50
C GLY A 339 -19.10 0.30 0.70
N PRO A 340 -18.49 1.25 0.01
CA PRO A 340 -17.47 0.89 -0.98
C PRO A 340 -16.09 0.67 -0.39
N LEU A 341 -15.40 -0.31 -0.94
CA LEU A 341 -13.95 -0.43 -0.89
C LEU A 341 -13.46 -0.33 -2.31
N VAL A 342 -12.68 0.71 -2.62
CA VAL A 342 -12.33 1.02 -4.00
C VAL A 342 -10.82 1.12 -4.12
N THR A 343 -10.33 0.88 -5.34
CA THR A 343 -8.91 1.05 -5.61
C THR A 343 -8.73 1.75 -6.96
N SER A 344 -7.63 2.49 -7.07
CA SER A 344 -7.31 3.21 -8.30
C SER A 344 -6.28 2.40 -9.09
N LYS A 345 -6.60 2.10 -10.34
CA LYS A 345 -5.67 1.40 -11.22
C LYS A 345 -5.97 1.78 -12.66
N ASN A 346 -4.91 2.06 -13.43
CA ASN A 346 -5.02 2.55 -14.80
C ASN A 346 -5.83 3.84 -14.86
N ASN A 347 -5.72 4.65 -13.80
CA ASN A 347 -6.47 5.92 -13.68
C ASN A 347 -7.98 5.68 -13.66
N ILE A 348 -8.41 4.54 -13.14
CA ILE A 348 -9.84 4.23 -13.01
C ILE A 348 -10.08 3.77 -11.58
N TRP A 349 -11.19 4.22 -10.99
CA TRP A 349 -11.60 3.76 -9.67
C TRP A 349 -12.50 2.54 -9.80
N TRP A 350 -12.13 1.47 -9.11
CA TRP A 350 -12.83 0.20 -9.21
C TRP A 350 -13.37 -0.22 -7.85
N LEU A 351 -14.54 -0.86 -7.90
CA LEU A 351 -15.25 -1.32 -6.71
C LEU A 351 -14.76 -2.72 -6.44
N ILE A 352 -13.95 -2.89 -5.39
CA ILE A 352 -13.30 -4.17 -5.16
C ILE A 352 -14.08 -4.94 -4.11
N GLY A 353 -14.71 -4.22 -3.18
CA GLY A 353 -15.51 -4.87 -2.17
C GLY A 353 -16.67 -4.00 -1.72
N ASP A 354 -17.61 -4.62 -1.04
CA ASP A 354 -18.62 -3.93 -0.26
C ASP A 354 -18.49 -4.35 1.20
N THR A 355 -18.53 -3.36 2.10
CA THR A 355 -18.29 -3.63 3.51
C THR A 355 -19.31 -4.64 4.00
N SER A 356 -18.81 -5.70 4.65
CA SER A 356 -19.66 -6.82 5.04
C SER A 356 -19.61 -7.02 6.56
N TRP A 357 -18.49 -7.44 7.12
CA TRP A 357 -18.55 -7.77 8.54
C TRP A 357 -17.19 -7.52 9.20
N GLY A 358 -17.20 -7.62 10.52
CA GLY A 358 -16.04 -7.28 11.32
C GLY A 358 -16.31 -6.00 12.08
N SER A 359 -16.92 -6.12 13.26
CA SER A 359 -17.29 -4.94 14.02
C SER A 359 -16.10 -4.29 14.70
N GLY A 360 -15.03 -5.04 14.93
CA GLY A 360 -13.89 -4.51 15.64
C GLY A 360 -12.98 -3.64 14.80
N CYS A 361 -13.55 -2.63 14.13
CA CYS A 361 -12.69 -1.69 13.44
C CYS A 361 -11.94 -0.89 14.50
N ALA A 362 -10.81 -0.31 14.10
CA ALA A 362 -9.92 0.40 15.02
C ALA A 362 -9.37 -0.54 16.09
N LYS A 363 -9.21 -1.81 15.74
CA LYS A 363 -8.67 -2.83 16.62
C LYS A 363 -7.64 -3.66 15.88
N ALA A 364 -6.58 -4.03 16.58
CA ALA A 364 -5.52 -4.85 16.01
C ALA A 364 -6.02 -6.26 15.73
N TYR A 365 -5.58 -6.83 14.61
CA TYR A 365 -5.86 -8.21 14.24
C TYR A 365 -7.35 -8.45 14.00
N ARG A 366 -8.09 -7.40 13.66
CA ARG A 366 -9.52 -7.47 13.34
C ARG A 366 -9.80 -6.53 12.19
N PRO A 367 -9.27 -6.82 11.00
CA PRO A 367 -9.50 -5.93 9.86
C PRO A 367 -10.93 -6.09 9.34
N GLY A 368 -11.27 -5.21 8.39
CA GLY A 368 -12.59 -5.29 7.78
C GLY A 368 -12.69 -6.46 6.80
N VAL A 369 -13.87 -7.07 6.74
CA VAL A 369 -14.17 -8.11 5.77
C VAL A 369 -15.21 -7.55 4.81
N TYR A 370 -15.00 -7.81 3.53
CA TYR A 370 -15.76 -7.23 2.43
C TYR A 370 -16.22 -8.34 1.51
N GLY A 371 -17.40 -8.18 0.93
CA GLY A 371 -17.78 -9.05 -0.17
C GLY A 371 -16.84 -8.85 -1.34
N ASN A 372 -16.47 -9.96 -1.98
CA ASN A 372 -15.46 -9.94 -3.04
C ASN A 372 -16.18 -9.70 -4.37
N VAL A 373 -16.27 -8.43 -4.77
CA VAL A 373 -17.17 -8.04 -5.86
C VAL A 373 -16.74 -8.69 -7.18
N MET A 374 -15.45 -8.96 -7.34
CA MET A 374 -14.94 -9.58 -8.56
C MET A 374 -15.65 -10.90 -8.85
N VAL A 375 -15.89 -11.71 -7.83
CA VAL A 375 -16.56 -12.99 -8.05
C VAL A 375 -18.08 -12.85 -8.19
N PHE A 376 -18.63 -11.66 -7.90
CA PHE A 376 -20.07 -11.41 -8.03
C PHE A 376 -20.43 -10.64 -9.28
N THR A 377 -19.44 -10.21 -10.07
CA THR A 377 -19.72 -9.38 -11.23
C THR A 377 -20.60 -10.09 -12.27
N ASP A 378 -20.42 -11.41 -12.46
CA ASP A 378 -21.27 -12.11 -13.42
C ASP A 378 -22.72 -12.11 -12.96
N TRP A 379 -22.96 -12.31 -11.66
CA TRP A 379 -24.31 -12.19 -11.13
C TRP A 379 -24.86 -10.80 -11.33
N ILE A 380 -24.06 -9.77 -11.06
CA ILE A 380 -24.53 -8.40 -11.22
C ILE A 380 -24.97 -8.15 -12.66
N TYR A 381 -24.12 -8.54 -13.63
CA TYR A 381 -24.48 -8.41 -15.03
C TYR A 381 -25.77 -9.14 -15.35
N ARG A 382 -25.90 -10.38 -14.84
CA ARG A 382 -27.12 -11.14 -15.11
C ARG A 382 -28.35 -10.41 -14.60
N GLN A 383 -28.26 -9.81 -13.41
CA GLN A 383 -29.41 -9.11 -12.85
C GLN A 383 -29.76 -7.88 -13.66
N MET A 384 -28.74 -7.10 -14.04
CA MET A 384 -28.99 -5.90 -14.82
C MET A 384 -29.59 -6.25 -16.18
N ARG A 385 -29.13 -7.35 -16.79
CA ARG A 385 -29.68 -7.77 -18.09
C ARG A 385 -31.10 -8.29 -17.94
N ALA A 386 -31.40 -8.96 -16.83
CA ALA A 386 -32.72 -9.56 -16.62
C ALA A 386 -33.78 -8.51 -16.31
N ASP A 387 -33.38 -7.33 -15.84
CA ASP A 387 -34.33 -6.26 -15.54
C ASP A 387 -34.94 -5.73 -16.83
N GLY A 388 -36.27 -5.74 -16.90
CA GLY A 388 -36.98 -5.32 -18.09
C GLY A 388 -37.77 -6.46 -18.71
N GLY B 15 -12.08 -22.29 13.08
CA GLY B 15 -12.98 -23.38 13.39
C GLY B 15 -14.43 -22.92 13.49
N GLN B 16 -15.36 -23.87 13.36
CA GLN B 16 -16.77 -23.55 13.52
C GLN B 16 -17.07 -23.28 14.99
N VAL B 17 -17.89 -22.25 15.23
CA VAL B 17 -18.22 -21.88 16.60
C VAL B 17 -19.08 -22.96 17.26
N GLN B 18 -18.83 -23.18 18.55
CA GLN B 18 -19.58 -24.12 19.38
C GLN B 18 -20.08 -23.34 20.58
N LEU B 19 -21.40 -23.12 20.66
CA LEU B 19 -21.97 -22.32 21.73
C LEU B 19 -22.30 -23.21 22.90
N VAL B 20 -22.08 -22.70 24.11
CA VAL B 20 -22.39 -23.45 25.32
C VAL B 20 -23.05 -22.51 26.32
N GLU B 21 -24.32 -22.79 26.64
CA GLU B 21 -25.07 -22.03 27.62
C GLU B 21 -24.90 -22.66 29.00
N SER B 22 -24.97 -21.80 30.02
CA SER B 22 -24.98 -22.26 31.40
C SER B 22 -25.73 -21.26 32.25
N GLY B 23 -25.85 -21.57 33.53
CA GLY B 23 -26.50 -20.68 34.47
C GLY B 23 -27.93 -21.02 34.79
N GLY B 24 -28.51 -22.02 34.12
CA GLY B 24 -29.87 -22.41 34.44
C GLY B 24 -29.98 -23.04 35.81
N GLY B 25 -31.20 -23.40 36.15
CA GLY B 25 -31.46 -24.04 37.43
C GLY B 25 -32.86 -23.67 37.90
N LEU B 26 -33.12 -24.05 39.15
CA LEU B 26 -34.41 -23.84 39.79
C LEU B 26 -34.37 -22.55 40.60
N VAL B 27 -35.40 -21.71 40.43
CA VAL B 27 -35.56 -20.50 41.22
C VAL B 27 -37.03 -20.33 41.57
N GLN B 28 -37.28 -19.53 42.63
CA GLN B 28 -38.66 -19.24 43.00
C GLN B 28 -39.24 -18.10 42.17
N PRO B 29 -40.57 -18.08 42.03
CA PRO B 29 -41.24 -16.91 41.44
C PRO B 29 -40.76 -15.61 42.07
N GLY B 30 -40.49 -14.62 41.22
CA GLY B 30 -39.99 -13.35 41.68
C GLY B 30 -38.49 -13.25 41.73
N GLY B 31 -37.80 -14.38 41.62
CA GLY B 31 -36.36 -14.43 41.74
C GLY B 31 -35.67 -14.06 40.46
N SER B 32 -34.35 -14.09 40.51
CA SER B 32 -33.55 -13.73 39.35
C SER B 32 -32.56 -14.84 39.07
N LEU B 33 -32.17 -14.94 37.81
CA LEU B 33 -31.09 -15.81 37.39
C LEU B 33 -30.27 -15.07 36.36
N ARG B 34 -28.99 -15.42 36.24
CA ARG B 34 -28.19 -14.87 35.17
C ARG B 34 -27.65 -16.02 34.33
N LEU B 35 -28.20 -16.16 33.13
CA LEU B 35 -27.69 -17.13 32.19
C LEU B 35 -26.47 -16.52 31.49
N SER B 36 -25.59 -17.40 31.01
CA SER B 36 -24.50 -16.91 30.20
C SER B 36 -24.18 -17.94 29.14
N CYS B 37 -23.51 -17.46 28.09
CA CYS B 37 -23.15 -18.27 26.95
C CYS B 37 -21.71 -17.94 26.57
N THR B 38 -20.94 -19.00 26.34
CA THR B 38 -19.57 -18.86 25.88
C THR B 38 -19.43 -19.69 24.60
N SER B 39 -18.24 -19.70 24.03
CA SER B 39 -18.01 -20.42 22.80
C SER B 39 -16.65 -21.09 22.88
N SER B 40 -16.53 -22.22 22.19
CA SER B 40 -15.25 -22.76 21.77
C SER B 40 -15.20 -22.75 20.24
N GLY B 41 -14.02 -23.03 19.70
CA GLY B 41 -13.87 -23.12 18.26
C GLY B 41 -13.61 -21.80 17.55
N SER B 42 -14.35 -20.76 17.95
CA SER B 42 -14.33 -19.45 17.33
C SER B 42 -14.78 -18.44 18.37
N PRO B 43 -14.14 -17.29 18.49
CA PRO B 43 -14.51 -16.36 19.56
C PRO B 43 -15.93 -15.85 19.39
N LEU B 44 -16.63 -15.70 20.53
CA LEU B 44 -18.02 -15.24 20.52
C LEU B 44 -18.15 -13.82 19.99
N GLU B 45 -17.10 -13.01 20.11
CA GLU B 45 -17.13 -11.61 19.67
C GLU B 45 -17.53 -11.43 18.21
N HIS B 46 -17.36 -12.46 17.37
CA HIS B 46 -17.72 -12.31 15.96
C HIS B 46 -19.21 -12.51 15.67
N TYR B 47 -20.01 -12.90 16.65
CA TYR B 47 -21.35 -13.42 16.39
C TYR B 47 -22.40 -12.53 17.02
N ASP B 48 -23.43 -12.21 16.24
CA ASP B 48 -24.70 -11.75 16.79
C ASP B 48 -25.37 -12.91 17.52
N ILE B 49 -25.99 -12.61 18.66
CA ILE B 49 -26.51 -13.64 19.55
C ILE B 49 -27.98 -13.39 19.85
N ILE B 50 -28.80 -14.42 19.75
CA ILE B 50 -30.19 -14.40 20.16
C ILE B 50 -30.39 -15.44 21.26
N TRP B 51 -30.92 -15.03 22.39
CA TRP B 51 -31.43 -15.98 23.36
C TRP B 51 -32.87 -16.28 22.97
N PHE B 52 -33.17 -17.56 22.78
CA PHE B 52 -34.52 -18.03 22.58
C PHE B 52 -34.79 -19.14 23.58
N ARG B 53 -36.06 -19.46 23.78
CA ARG B 53 -36.44 -20.47 24.75
C ARG B 53 -37.51 -21.37 24.17
N GLN B 54 -37.58 -22.58 24.72
CA GLN B 54 -38.67 -23.49 24.36
C GLN B 54 -39.03 -24.34 25.54
N ALA B 55 -40.32 -24.39 25.86
CA ALA B 55 -40.87 -25.29 26.84
C ALA B 55 -41.62 -26.42 26.14
N PRO B 56 -41.60 -27.63 26.69
CA PRO B 56 -42.27 -28.75 26.03
C PRO B 56 -43.74 -28.44 25.80
N GLY B 57 -44.21 -28.69 24.57
CA GLY B 57 -45.57 -28.41 24.21
C GLY B 57 -45.81 -27.05 23.58
N ARG B 58 -44.83 -26.15 23.64
CA ARG B 58 -44.99 -24.79 23.14
C ARG B 58 -44.00 -24.53 22.02
N GLU B 59 -44.23 -23.45 21.28
CA GLU B 59 -43.33 -23.06 20.20
C GLU B 59 -42.09 -22.38 20.75
N ARG B 60 -40.99 -22.47 19.99
CA ARG B 60 -39.80 -21.69 20.31
C ARG B 60 -40.12 -20.20 20.31
N GLU B 61 -39.40 -19.46 21.16
CA GLU B 61 -39.69 -18.05 21.38
C GLU B 61 -38.38 -17.32 21.56
N GLY B 62 -38.04 -16.44 20.61
CA GLY B 62 -36.90 -15.57 20.81
C GLY B 62 -37.24 -14.54 21.87
N VAL B 63 -36.33 -14.33 22.81
CA VAL B 63 -36.63 -13.43 23.92
C VAL B 63 -35.69 -12.24 23.91
N SER B 64 -34.46 -12.41 23.44
CA SER B 64 -33.58 -11.25 23.44
C SER B 64 -32.46 -11.44 22.43
N SER B 65 -31.96 -10.33 21.90
CA SER B 65 -30.87 -10.42 20.94
C SER B 65 -29.95 -9.23 21.12
N ILE B 66 -28.70 -9.41 20.65
CA ILE B 66 -27.66 -8.40 20.77
C ILE B 66 -26.67 -8.57 19.61
N THR B 67 -26.21 -7.44 19.07
CA THR B 67 -25.21 -7.40 18.02
C THR B 67 -23.83 -7.66 18.60
N THR B 68 -22.86 -7.90 17.69
CA THR B 68 -21.48 -8.14 18.10
C THR B 68 -20.93 -7.01 18.96
N SER B 69 -21.20 -5.76 18.59
CA SER B 69 -20.70 -4.62 19.33
C SER B 69 -21.52 -4.31 20.58
N GLY B 70 -22.70 -4.90 20.72
CA GLY B 70 -23.58 -4.57 21.82
C GLY B 70 -24.42 -3.33 21.61
N GLY B 71 -24.32 -2.70 20.44
CA GLY B 71 -24.97 -1.41 20.21
C GLY B 71 -26.42 -1.49 19.82
N HIS B 72 -26.94 -2.69 19.58
CA HIS B 72 -28.37 -2.87 19.35
C HIS B 72 -28.83 -4.08 20.15
N THR B 73 -29.78 -3.88 21.06
CA THR B 73 -30.43 -4.97 21.76
C THR B 73 -31.92 -4.99 21.43
N ASN B 74 -32.54 -6.13 21.66
CA ASN B 74 -33.92 -6.32 21.23
C ASN B 74 -34.56 -7.30 22.20
N TYR B 75 -35.81 -7.04 22.58
CA TYR B 75 -36.48 -7.87 23.58
C TYR B 75 -37.90 -8.19 23.18
N ALA B 76 -38.32 -9.42 23.44
CA ALA B 76 -39.73 -9.79 23.33
C ALA B 76 -40.57 -9.05 24.35
N ASP B 77 -41.77 -8.64 23.92
CA ASP B 77 -42.72 -8.01 24.84
C ASP B 77 -42.89 -8.80 26.13
N SER B 78 -42.89 -10.13 26.04
CA SER B 78 -43.11 -10.98 27.21
C SER B 78 -42.02 -10.85 28.27
N VAL B 79 -40.84 -10.35 27.90
CA VAL B 79 -39.71 -10.29 28.82
C VAL B 79 -39.19 -8.87 29.01
N LYS B 80 -39.73 -7.89 28.28
CA LYS B 80 -39.20 -6.54 28.37
C LYS B 80 -39.34 -6.02 29.80
N ASP B 81 -38.34 -5.23 30.22
CA ASP B 81 -38.24 -4.65 31.55
C ASP B 81 -37.76 -5.67 32.58
N ARG B 82 -37.99 -6.96 32.33
CA ARG B 82 -37.49 -7.99 33.23
C ARG B 82 -36.15 -8.59 32.77
N PHE B 83 -35.91 -8.71 31.48
CA PHE B 83 -34.71 -9.33 30.97
C PHE B 83 -33.77 -8.27 30.42
N THR B 84 -32.47 -8.53 30.54
CA THR B 84 -31.44 -7.64 30.00
C THR B 84 -30.33 -8.48 29.40
N ILE B 85 -30.06 -8.26 28.12
CA ILE B 85 -29.01 -8.98 27.43
C ILE B 85 -27.78 -8.08 27.43
N SER B 86 -26.61 -8.67 27.56
CA SER B 86 -25.38 -7.90 27.44
C SER B 86 -24.26 -8.84 27.02
N ARG B 87 -23.09 -8.28 26.74
CA ARG B 87 -21.99 -9.14 26.37
C ARG B 87 -20.69 -8.53 26.85
N ASP B 88 -19.67 -9.39 26.93
CA ASP B 88 -18.31 -9.00 27.29
C ASP B 88 -17.40 -9.74 26.33
N ASN B 89 -16.92 -9.03 25.32
CA ASN B 89 -16.16 -9.69 24.25
C ASN B 89 -14.78 -10.10 24.74
N ALA B 90 -14.18 -9.31 25.64
CA ALA B 90 -12.88 -9.66 26.18
C ALA B 90 -12.95 -10.95 26.98
N LYS B 91 -14.06 -11.20 27.66
CA LYS B 91 -14.27 -12.43 28.39
C LYS B 91 -14.94 -13.50 27.54
N ASN B 92 -15.27 -13.19 26.29
CA ASN B 92 -15.85 -14.16 25.35
C ASN B 92 -17.19 -14.69 25.87
N VAL B 93 -18.05 -13.79 26.36
CA VAL B 93 -19.29 -14.23 26.99
C VAL B 93 -20.45 -13.30 26.64
N VAL B 94 -21.64 -13.88 26.56
CA VAL B 94 -22.90 -13.13 26.46
C VAL B 94 -23.78 -13.51 27.64
N TYR B 95 -24.45 -12.52 28.23
CA TYR B 95 -25.22 -12.72 29.45
C TYR B 95 -26.68 -12.39 29.20
N LEU B 96 -27.54 -13.07 29.95
CA LEU B 96 -28.97 -12.78 30.00
C LEU B 96 -29.40 -12.70 31.46
N GLN B 97 -29.56 -11.48 31.97
CA GLN B 97 -30.07 -11.24 33.31
C GLN B 97 -31.59 -11.34 33.28
N MET B 98 -32.15 -12.23 34.10
CA MET B 98 -33.59 -12.49 34.12
C MET B 98 -34.06 -12.17 35.53
N ASN B 99 -34.79 -11.07 35.67
CA ASN B 99 -35.32 -10.67 36.97
C ASN B 99 -36.82 -10.93 37.00
N SER B 100 -37.39 -10.93 38.21
CA SER B 100 -38.83 -11.09 38.40
C SER B 100 -39.34 -12.30 37.62
N LEU B 101 -38.68 -13.45 37.83
CA LEU B 101 -39.02 -14.61 37.04
C LEU B 101 -40.41 -15.12 37.38
N LYS B 102 -41.02 -15.78 36.39
CA LYS B 102 -42.39 -16.24 36.45
C LYS B 102 -42.45 -17.70 36.02
N PRO B 103 -43.43 -18.46 36.54
CA PRO B 103 -43.57 -19.86 36.10
C PRO B 103 -43.60 -20.01 34.60
N GLU B 104 -44.20 -19.04 33.90
CA GLU B 104 -44.27 -19.04 32.44
C GLU B 104 -42.91 -18.89 31.78
N ASP B 105 -41.87 -18.50 32.53
CA ASP B 105 -40.53 -18.40 31.97
C ASP B 105 -39.79 -19.73 32.00
N THR B 106 -40.38 -20.75 32.62
CA THR B 106 -39.80 -22.08 32.61
C THR B 106 -39.64 -22.58 31.18
N ALA B 107 -38.45 -23.08 30.85
CA ALA B 107 -38.13 -23.53 29.50
C ALA B 107 -36.67 -23.92 29.42
N VAL B 108 -36.26 -24.62 28.36
CA VAL B 108 -34.85 -24.70 28.03
C VAL B 108 -34.48 -23.44 27.25
N TYR B 109 -33.39 -22.80 27.65
CA TYR B 109 -32.91 -21.58 27.02
C TYR B 109 -31.71 -21.90 26.16
N TYR B 110 -31.77 -21.47 24.90
CA TYR B 110 -30.76 -21.74 23.92
C TYR B 110 -30.21 -20.41 23.42
N CYS B 111 -28.94 -20.44 23.04
CA CYS B 111 -28.32 -19.35 22.31
C CYS B 111 -28.22 -19.70 20.83
N ALA B 112 -28.51 -18.73 19.98
CA ALA B 112 -28.37 -18.88 18.53
C ALA B 112 -27.42 -17.80 18.03
N GLY B 113 -26.46 -18.17 17.21
CA GLY B 113 -25.47 -17.24 16.74
C GLY B 113 -25.36 -17.19 15.23
N ARG B 114 -25.05 -15.99 14.74
CA ARG B 114 -24.71 -15.78 13.33
C ARG B 114 -23.47 -14.90 13.27
N VAL B 115 -22.64 -15.07 12.24
CA VAL B 115 -21.60 -14.08 12.02
C VAL B 115 -22.27 -12.71 11.92
N GLY B 116 -21.82 -11.76 12.73
CA GLY B 116 -22.52 -10.50 12.87
C GLY B 116 -22.11 -9.50 11.79
N GLY B 117 -23.12 -8.81 11.25
CA GLY B 117 -22.86 -7.80 10.23
C GLY B 117 -22.70 -6.44 10.87
N ARG B 118 -22.53 -5.43 10.02
CA ARG B 118 -22.26 -4.08 10.50
C ARG B 118 -23.43 -3.12 10.32
N ARG B 119 -24.59 -3.61 9.89
CA ARG B 119 -25.69 -2.68 9.68
C ARG B 119 -26.18 -2.16 11.02
N ASN B 120 -26.69 -0.93 11.01
CA ASN B 120 -27.16 -0.27 12.23
C ASN B 120 -28.62 -0.60 12.42
N TRP B 121 -28.88 -1.83 12.88
CA TRP B 121 -30.26 -2.24 13.08
C TRP B 121 -30.26 -3.37 14.11
N ILE B 122 -31.42 -3.58 14.75
CA ILE B 122 -31.55 -4.68 15.71
C ILE B 122 -31.41 -6.02 15.01
N VAL B 123 -31.05 -7.02 15.81
CA VAL B 123 -31.07 -8.42 15.38
C VAL B 123 -32.48 -8.97 15.61
N PRO B 124 -33.17 -9.47 14.58
CA PRO B 124 -34.56 -9.91 14.79
C PRO B 124 -34.60 -11.13 15.70
N LEU B 125 -35.66 -11.20 16.53
CA LEU B 125 -35.80 -12.27 17.51
C LEU B 125 -36.06 -13.64 16.91
N ASP B 126 -36.63 -13.72 15.71
CA ASP B 126 -36.87 -15.01 15.05
C ASP B 126 -35.70 -15.48 14.18
N GLY B 127 -34.52 -14.90 14.34
CA GLY B 127 -33.34 -15.25 13.56
C GLY B 127 -32.68 -16.57 13.92
N TYR B 128 -33.14 -17.25 14.97
CA TYR B 128 -32.61 -18.57 15.32
C TYR B 128 -32.92 -19.66 14.29
N ASP B 129 -33.76 -19.38 13.28
CA ASP B 129 -34.11 -20.42 12.33
C ASP B 129 -32.95 -20.79 11.41
N ASN B 130 -31.90 -19.96 11.34
CA ASN B 130 -30.69 -20.25 10.57
C ASN B 130 -29.50 -19.70 11.35
N ALA B 131 -28.94 -20.53 12.23
CA ALA B 131 -27.95 -20.09 13.18
C ALA B 131 -27.25 -21.30 13.77
N TYR B 132 -26.08 -21.06 14.35
CA TYR B 132 -25.51 -22.03 15.27
C TYR B 132 -26.28 -22.01 16.58
N TRP B 133 -26.46 -23.19 17.18
CA TRP B 133 -27.22 -23.34 18.41
C TRP B 133 -26.38 -24.00 19.47
N GLY B 134 -26.61 -23.60 20.73
CA GLY B 134 -26.06 -24.32 21.86
C GLY B 134 -26.90 -25.53 22.21
N GLN B 135 -26.49 -26.20 23.29
CA GLN B 135 -27.23 -27.35 23.79
C GLN B 135 -28.36 -26.97 24.72
N GLY B 136 -28.42 -25.72 25.17
CA GLY B 136 -29.50 -25.26 26.01
C GLY B 136 -29.23 -25.49 27.49
N THR B 137 -29.90 -24.70 28.31
CA THR B 137 -29.79 -24.80 29.76
C THR B 137 -31.20 -24.67 30.35
N GLN B 138 -31.55 -25.61 31.20
CA GLN B 138 -32.92 -25.67 31.71
C GLN B 138 -33.13 -24.60 32.77
N VAL B 139 -34.23 -23.88 32.66
CA VAL B 139 -34.64 -22.89 33.65
C VAL B 139 -36.01 -23.29 34.14
N THR B 140 -36.15 -23.47 35.45
CA THR B 140 -37.39 -23.88 36.08
C THR B 140 -37.74 -22.87 37.15
N VAL B 141 -38.94 -22.32 37.07
CA VAL B 141 -39.45 -21.32 38.00
C VAL B 141 -40.65 -21.95 38.66
N SER B 142 -40.51 -22.28 39.94
CA SER B 142 -41.60 -22.86 40.72
C SER B 142 -41.30 -22.69 42.20
N SER B 143 -42.34 -22.83 43.00
CA SER B 143 -42.20 -22.75 44.45
C SER B 143 -41.74 -24.07 45.06
N GLY B 144 -42.03 -25.19 44.41
CA GLY B 144 -41.56 -26.48 44.89
C GLY B 144 -40.12 -26.75 44.54
N GLY C 15 12.14 26.86 -4.76
CA GLY C 15 12.95 26.13 -5.72
C GLY C 15 14.38 25.92 -5.25
N GLN C 16 15.33 26.52 -5.95
CA GLN C 16 16.72 26.44 -5.54
C GLN C 16 16.96 27.29 -4.29
N VAL C 17 17.74 26.75 -3.34
CA VAL C 17 18.00 27.45 -2.10
C VAL C 17 18.83 28.70 -2.34
N GLN C 18 18.54 29.75 -1.57
CA GLN C 18 19.25 31.02 -1.60
C GLN C 18 19.70 31.30 -0.17
N LEU C 19 21.01 31.23 0.08
CA LEU C 19 21.54 31.39 1.43
C LEU C 19 21.87 32.86 1.69
N VAL C 20 21.62 33.31 2.91
CA VAL C 20 21.94 34.68 3.30
C VAL C 20 22.54 34.66 4.70
N GLU C 21 23.82 35.04 4.80
CA GLU C 21 24.54 35.12 6.06
C GLU C 21 24.42 36.54 6.63
N SER C 22 24.46 36.64 7.95
CA SER C 22 24.51 37.92 8.63
C SER C 22 25.25 37.74 9.96
N GLY C 23 25.39 38.83 10.70
CA GLY C 23 26.02 38.81 11.99
C GLY C 23 27.48 39.24 12.01
N GLY C 24 28.08 39.49 10.85
CA GLY C 24 29.44 39.98 10.82
C GLY C 24 29.57 41.38 11.37
N GLY C 25 30.81 41.88 11.37
CA GLY C 25 31.08 43.21 11.84
C GLY C 25 32.47 43.30 12.44
N LEU C 26 32.74 44.45 13.07
CA LEU C 26 34.03 44.76 13.67
C LEU C 26 34.02 44.42 15.16
N VAL C 27 35.05 43.71 15.62
CA VAL C 27 35.26 43.42 17.02
C VAL C 27 36.75 43.51 17.33
N GLN C 28 37.05 43.72 18.62
CA GLN C 28 38.43 43.72 19.07
C GLN C 28 38.93 42.30 19.31
N PRO C 29 40.24 42.09 19.23
CA PRO C 29 40.81 40.81 19.65
C PRO C 29 40.27 40.37 21.01
N GLY C 30 39.92 39.09 21.11
CA GLY C 30 39.34 38.55 22.31
C GLY C 30 37.82 38.57 22.35
N GLY C 31 37.19 39.29 21.43
CA GLY C 31 35.75 39.43 21.45
C GLY C 31 35.06 38.25 20.78
N SER C 32 33.73 38.32 20.77
CA SER C 32 32.92 37.25 20.22
C SER C 32 31.93 37.81 19.20
N LEU C 33 31.55 36.95 18.27
CA LEU C 33 30.47 37.22 17.33
C LEU C 33 29.63 35.97 17.15
N ARG C 34 28.37 36.16 16.78
CA ARG C 34 27.51 35.05 16.39
C ARG C 34 27.07 35.31 14.96
N LEU C 35 27.63 34.54 14.03
CA LEU C 35 27.15 34.58 12.65
C LEU C 35 25.91 33.71 12.54
N SER C 36 25.08 34.03 11.57
CA SER C 36 23.95 33.16 11.31
C SER C 36 23.66 33.18 9.81
N CYS C 37 22.97 32.13 9.37
CA CYS C 37 22.63 31.93 7.98
C CYS C 37 21.19 31.47 7.90
N THR C 38 20.44 32.09 6.99
CA THR C 38 19.07 31.68 6.72
C THR C 38 18.96 31.40 5.23
N SER C 39 17.76 30.99 4.81
CA SER C 39 17.56 30.66 3.41
C SER C 39 16.20 31.18 2.97
N SER C 40 16.12 31.50 1.69
CA SER C 40 14.86 31.56 0.97
C SER C 40 14.87 30.49 -0.11
N GLY C 41 13.71 30.28 -0.75
CA GLY C 41 13.61 29.35 -1.85
C GLY C 41 13.37 27.92 -1.42
N SER C 42 14.11 27.47 -0.39
CA SER C 42 14.07 26.10 0.08
C SER C 42 14.50 26.08 1.53
N PRO C 43 13.84 25.33 2.40
CA PRO C 43 14.17 25.38 3.83
C PRO C 43 15.58 24.86 4.09
N LEU C 44 16.26 25.50 5.05
CA LEU C 44 17.63 25.12 5.38
C LEU C 44 17.73 23.71 5.94
N GLU C 45 16.64 23.20 6.53
CA GLU C 45 16.66 21.87 7.13
C GLU C 45 17.10 20.78 6.15
N HIS C 46 16.97 21.00 4.83
CA HIS C 46 17.38 19.97 3.88
C HIS C 46 18.87 19.94 3.60
N TYR C 47 19.64 20.90 4.11
CA TYR C 47 21.00 21.13 3.62
C TYR C 47 22.01 20.90 4.72
N ASP C 48 23.06 20.15 4.39
CA ASP C 48 24.30 20.20 5.15
C ASP C 48 24.96 21.54 4.90
N ILE C 49 25.56 22.12 5.94
CA ILE C 49 26.06 23.49 5.86
C ILE C 49 27.52 23.51 6.28
N ILE C 50 28.34 24.18 5.49
CA ILE C 50 29.74 24.44 5.81
C ILE C 50 29.95 25.94 5.88
N TRP C 51 30.48 26.42 7.00
CA TRP C 51 31.02 27.77 7.05
C TRP C 51 32.46 27.71 6.59
N PHE C 52 32.77 28.53 5.59
CA PHE C 52 34.15 28.74 5.13
C PHE C 52 34.41 30.23 5.13
N ARG C 53 35.68 30.60 5.06
CA ARG C 53 36.05 32.00 5.09
C ARG C 53 37.13 32.27 4.05
N GLN C 54 37.21 33.53 3.63
CA GLN C 54 38.28 33.95 2.76
C GLN C 54 38.63 35.40 3.06
N ALA C 55 39.91 35.64 3.27
CA ALA C 55 40.47 36.98 3.39
C ALA C 55 41.22 37.32 2.12
N PRO C 56 41.22 38.58 1.71
CA PRO C 56 41.90 38.95 0.46
C PRO C 56 43.36 38.56 0.50
N GLY C 57 43.82 37.92 -0.58
CA GLY C 57 45.17 37.45 -0.67
C GLY C 57 45.39 36.01 -0.24
N ARG C 58 44.41 35.39 0.42
CA ARG C 58 44.58 34.04 0.96
C ARG C 58 43.57 33.10 0.32
N GLU C 59 43.81 31.80 0.49
CA GLU C 59 42.92 30.78 -0.03
C GLU C 59 41.69 30.61 0.85
N ARG C 60 40.61 30.12 0.24
CA ARG C 60 39.44 29.75 1.00
C ARG C 60 39.76 28.67 2.01
N GLU C 61 39.05 28.70 3.14
CA GLU C 61 39.32 27.84 4.28
C GLU C 61 38.00 27.42 4.88
N GLY C 62 37.67 26.13 4.81
CA GLY C 62 36.52 25.64 5.54
C GLY C 62 36.83 25.65 7.02
N VAL C 63 35.89 26.14 7.82
CA VAL C 63 36.17 26.27 9.24
C VAL C 63 35.22 25.42 10.06
N SER C 64 33.99 25.20 9.57
CA SER C 64 33.09 24.37 10.36
C SER C 64 31.99 23.80 9.48
N SER C 65 31.48 22.63 9.87
CA SER C 65 30.41 22.03 9.10
C SER C 65 29.47 21.29 10.03
N ILE C 66 28.23 21.10 9.55
CA ILE C 66 27.17 20.46 10.31
C ILE C 66 26.20 19.78 9.35
N THR C 67 25.73 18.59 9.74
CA THR C 67 24.73 17.85 8.97
C THR C 67 23.33 18.43 9.17
N THR C 68 22.40 18.00 8.32
CA THR C 68 21.01 18.45 8.40
C THR C 68 20.42 18.21 9.78
N SER C 69 20.68 17.03 10.36
CA SER C 69 20.13 16.69 11.67
C SER C 69 20.91 17.32 12.81
N GLY C 70 22.10 17.86 12.54
CA GLY C 70 22.95 18.38 13.58
C GLY C 70 23.79 17.34 14.28
N GLY C 71 23.70 16.08 13.86
CA GLY C 71 24.34 14.99 14.58
C GLY C 71 25.81 14.79 14.27
N HIS C 72 26.35 15.51 13.29
CA HIS C 72 27.79 15.47 13.04
C HIS C 72 28.27 16.90 12.79
N THR C 73 29.21 17.37 13.62
CA THR C 73 29.87 18.64 13.40
C THR C 73 31.36 18.41 13.18
N ASN C 74 32.01 19.41 12.57
CA ASN C 74 33.40 19.26 12.16
C ASN C 74 34.02 20.64 12.21
N TYR C 75 35.27 20.72 12.70
CA TYR C 75 35.93 22.00 12.87
C TYR C 75 37.37 21.94 12.37
N ALA C 76 37.81 23.03 11.74
CA ALA C 76 39.21 23.20 11.40
C ALA C 76 40.05 23.34 12.66
N ASP C 77 41.25 22.74 12.62
CA ASP C 77 42.20 22.89 13.72
C ASP C 77 42.37 24.35 14.13
N SER C 78 42.37 25.25 13.16
CA SER C 78 42.60 26.67 13.43
C SER C 78 41.51 27.30 14.28
N VAL C 79 40.32 26.69 14.36
CA VAL C 79 39.19 27.27 15.07
C VAL C 79 38.66 26.38 16.18
N LYS C 80 39.19 25.17 16.34
CA LYS C 80 38.64 24.26 17.33
C LYS C 80 38.76 24.85 18.73
N ASP C 81 37.76 24.57 19.57
CA ASP C 81 37.63 25.07 20.94
C ASP C 81 37.15 26.52 20.99
N ARG C 82 37.39 27.29 19.93
CA ARG C 82 36.89 28.65 19.86
C ARG C 82 35.56 28.78 19.13
N PHE C 83 35.32 27.98 18.10
CA PHE C 83 34.12 28.08 17.28
C PHE C 83 33.17 26.93 17.59
N THR C 84 31.88 27.21 17.49
CA THR C 84 30.84 26.20 17.67
C THR C 84 29.75 26.42 16.64
N ILE C 85 29.48 25.41 15.83
CA ILE C 85 28.44 25.48 14.82
C ILE C 85 27.21 24.80 15.39
N SER C 86 26.04 25.32 15.05
CA SER C 86 24.79 24.69 15.45
C SER C 86 23.71 25.11 14.48
N ARG C 87 22.53 24.50 14.62
CA ARG C 87 21.44 24.88 13.73
C ARG C 87 20.13 24.76 14.48
N ASP C 88 19.12 25.43 13.93
CA ASP C 88 17.75 25.40 14.44
C ASP C 88 16.88 25.30 13.19
N ASN C 89 16.40 24.09 12.91
CA ASN C 89 15.69 23.85 11.67
C ASN C 89 14.30 24.48 11.71
N ALA C 90 13.68 24.51 12.88
CA ALA C 90 12.36 25.14 12.98
C ALA C 90 12.42 26.63 12.69
N LYS C 91 13.53 27.27 13.07
CA LYS C 91 13.73 28.69 12.76
C LYS C 91 14.42 28.89 11.44
N ASN C 92 14.79 27.80 10.74
CA ASN C 92 15.40 27.86 9.42
C ASN C 92 16.73 28.61 9.46
N VAL C 93 17.57 28.30 10.46
CA VAL C 93 18.80 29.05 10.64
C VAL C 93 19.94 28.13 11.07
N VAL C 94 21.14 28.49 10.65
CA VAL C 94 22.37 27.87 11.12
C VAL C 94 23.25 28.95 11.74
N TYR C 95 23.87 28.64 12.87
CA TYR C 95 24.64 29.61 13.63
C TYR C 95 26.08 29.16 13.72
N LEU C 96 26.98 30.15 13.82
CA LEU C 96 28.39 29.94 14.11
C LEU C 96 28.81 30.90 15.22
N GLN C 97 28.91 30.38 16.43
CA GLN C 97 29.40 31.15 17.57
C GLN C 97 30.93 31.17 17.52
N MET C 98 31.51 32.37 17.50
CA MET C 98 32.95 32.56 17.37
C MET C 98 33.42 33.33 18.60
N ASN C 99 34.12 32.64 19.50
CA ASN C 99 34.66 33.27 20.70
C ASN C 99 36.15 33.46 20.55
N SER C 100 36.72 34.30 21.44
CA SER C 100 38.16 34.54 21.49
C SER C 100 38.73 34.85 20.10
N LEU C 101 38.12 35.81 19.43
CA LEU C 101 38.50 36.11 18.05
C LEU C 101 39.90 36.70 17.99
N LYS C 102 40.55 36.48 16.86
CA LYS C 102 41.94 36.85 16.63
C LYS C 102 42.05 37.62 15.32
N PRO C 103 43.04 38.51 15.19
CA PRO C 103 43.21 39.23 13.92
C PRO C 103 43.26 38.32 12.70
N GLU C 104 43.85 37.12 12.85
CA GLU C 104 43.94 36.17 11.76
C GLU C 104 42.57 35.64 11.33
N ASP C 105 41.53 35.85 12.13
CA ASP C 105 40.18 35.43 11.77
C ASP C 105 39.46 36.45 10.89
N THR C 106 40.04 37.62 10.65
CA THR C 106 39.45 38.59 9.75
C THR C 106 39.29 37.99 8.36
N ALA C 107 38.09 38.13 7.79
CA ALA C 107 37.75 37.55 6.50
C ALA C 107 36.28 37.78 6.18
N VAL C 108 35.89 37.56 4.94
CA VAL C 108 34.47 37.37 4.63
C VAL C 108 34.11 35.92 4.91
N TYR C 109 33.02 35.70 5.64
CA TYR C 109 32.56 34.37 5.99
C TYR C 109 31.35 34.01 5.12
N TYR C 110 31.42 32.84 4.49
CA TYR C 110 30.41 32.38 3.58
C TYR C 110 29.83 31.07 4.11
N CYS C 111 28.57 30.84 3.78
CA CYS C 111 27.93 29.55 3.97
C CYS C 111 27.85 28.81 2.63
N ALA C 112 28.13 27.51 2.68
CA ALA C 112 28.02 26.63 1.53
C ALA C 112 27.06 25.50 1.91
N GLY C 113 26.12 25.19 1.04
CA GLY C 113 25.11 24.19 1.35
C GLY C 113 25.04 23.10 0.30
N ARG C 114 24.73 21.90 0.77
CA ARG C 114 24.43 20.78 -0.11
C ARG C 114 23.18 20.08 0.41
N VAL C 115 22.40 19.49 -0.50
CA VAL C 115 21.36 18.59 -0.04
C VAL C 115 21.99 17.54 0.86
N GLY C 116 21.47 17.40 2.08
CA GLY C 116 22.14 16.59 3.07
C GLY C 116 21.79 15.11 2.98
N GLY C 117 22.82 14.28 3.12
CA GLY C 117 22.64 12.84 3.07
C GLY C 117 22.42 12.29 4.46
N ARG C 118 22.28 10.96 4.53
CA ARG C 118 21.95 10.30 5.78
C ARG C 118 23.11 9.49 6.36
N ARG C 119 24.30 9.57 5.79
CA ARG C 119 25.39 8.76 6.29
C ARG C 119 25.86 9.27 7.65
N ASN C 120 26.39 8.35 8.46
CA ASN C 120 26.86 8.68 9.80
C ASN C 120 28.33 9.07 9.72
N TRP C 121 28.58 10.27 9.20
CA TRP C 121 29.95 10.73 9.05
C TRP C 121 29.93 12.26 9.02
N ILE C 122 31.07 12.86 9.33
CA ILE C 122 31.17 14.32 9.26
C ILE C 122 31.03 14.80 7.82
N VAL C 123 30.63 16.07 7.70
CA VAL C 123 30.65 16.79 6.43
C VAL C 123 32.06 17.37 6.25
N PRO C 124 32.77 17.05 5.17
CA PRO C 124 34.16 17.51 5.05
C PRO C 124 34.20 19.03 4.91
N LEU C 125 35.24 19.63 5.49
CA LEU C 125 35.38 21.09 5.50
C LEU C 125 35.65 21.68 4.12
N ASP C 126 36.22 20.92 3.19
CA ASP C 126 36.49 21.39 1.84
C ASP C 126 35.32 21.15 0.89
N GLY C 127 34.13 20.83 1.43
CA GLY C 127 32.95 20.55 0.63
C GLY C 127 32.31 21.76 -0.01
N TYR C 128 32.80 22.97 0.28
CA TYR C 128 32.30 24.16 -0.37
C TYR C 128 32.62 24.21 -1.86
N ASP C 129 33.45 23.29 -2.37
CA ASP C 129 33.84 23.32 -3.77
C ASP C 129 32.71 22.94 -4.71
N ASN C 130 31.64 22.33 -4.19
CA ASN C 130 30.44 22.01 -4.99
C ASN C 130 29.24 22.19 -4.08
N ALA C 131 28.69 23.40 -4.05
CA ALA C 131 27.68 23.76 -3.08
C ALA C 131 27.01 25.05 -3.53
N TYR C 132 25.82 25.29 -2.98
CA TYR C 132 25.25 26.63 -3.01
C TYR C 132 25.99 27.52 -2.02
N TRP C 133 26.17 28.79 -2.40
CA TRP C 133 26.93 29.73 -1.58
C TRP C 133 26.07 30.96 -1.28
N GLY C 134 26.29 31.52 -0.09
CA GLY C 134 25.73 32.81 0.22
C GLY C 134 26.58 33.94 -0.35
N GLN C 135 26.18 35.17 -0.04
CA GLN C 135 26.92 36.34 -0.48
C GLN C 135 28.04 36.73 0.48
N GLY C 136 28.10 36.14 1.66
CA GLY C 136 29.16 36.38 2.61
C GLY C 136 28.88 37.57 3.51
N THR C 137 29.53 37.54 4.67
CA THR C 137 29.42 38.62 5.65
C THR C 137 30.80 38.92 6.20
N GLN C 138 31.18 40.19 6.19
CA GLN C 138 32.54 40.58 6.56
C GLN C 138 32.71 40.54 8.07
N VAL C 139 33.81 39.94 8.52
CA VAL C 139 34.19 39.91 9.93
C VAL C 139 35.57 40.54 10.01
N THR C 140 35.70 41.58 10.83
CA THR C 140 36.96 42.28 11.00
C THR C 140 37.34 42.33 12.47
N VAL C 141 38.54 41.85 12.77
CA VAL C 141 39.09 41.78 14.12
C VAL C 141 40.35 42.65 14.11
N SER C 142 40.29 43.81 14.77
CA SER C 142 41.46 44.67 14.85
C SER C 142 41.31 45.64 16.02
N SER C 143 42.44 46.22 16.41
CA SER C 143 42.48 47.22 17.46
C SER C 143 42.17 48.60 16.90
N CYS D 44 23.26 -3.43 -25.11
CA CYS D 44 22.15 -3.24 -26.03
C CYS D 44 21.08 -4.32 -25.82
N VAL D 45 21.10 -4.92 -24.63
CA VAL D 45 20.21 -6.00 -24.25
C VAL D 45 19.61 -5.65 -22.89
N ARG D 46 18.40 -6.12 -22.61
CA ARG D 46 17.84 -5.88 -21.30
C ARG D 46 16.77 -6.91 -20.96
N LEU D 47 16.44 -6.97 -19.68
CA LEU D 47 15.30 -7.74 -19.17
C LEU D 47 14.18 -6.79 -18.79
N TYR D 48 12.99 -7.03 -19.34
CA TYR D 48 11.85 -6.15 -19.21
C TYR D 48 10.81 -6.76 -18.28
N GLY D 49 10.36 -5.97 -17.31
CA GLY D 49 9.22 -6.28 -16.49
C GLY D 49 9.46 -7.37 -15.47
N PRO D 50 8.42 -7.66 -14.67
CA PRO D 50 8.55 -8.64 -13.59
C PRO D 50 8.60 -10.09 -14.05
N ASN D 51 8.40 -10.37 -15.34
CA ASN D 51 8.58 -11.72 -15.86
C ASN D 51 9.83 -11.86 -16.72
N PHE D 52 10.76 -10.91 -16.63
CA PHE D 52 12.10 -11.07 -17.18
C PHE D 52 12.07 -11.32 -18.68
N ILE D 53 11.29 -10.52 -19.41
CA ILE D 53 11.23 -10.74 -20.85
C ILE D 53 12.53 -10.24 -21.46
N LEU D 54 13.25 -11.13 -22.12
CA LEU D 54 14.49 -10.73 -22.79
C LEU D 54 14.16 -9.84 -23.97
N GLN D 55 14.76 -8.66 -24.01
CA GLN D 55 14.52 -7.75 -25.13
C GLN D 55 15.85 -7.31 -25.70
N VAL D 56 15.81 -7.13 -27.03
CA VAL D 56 16.91 -6.67 -27.84
C VAL D 56 16.50 -5.38 -28.52
N TYR D 57 17.43 -4.45 -28.63
CA TYR D 57 17.14 -3.17 -29.26
C TYR D 57 17.32 -3.39 -30.75
N SER D 58 16.43 -2.82 -31.54
CA SER D 58 16.51 -2.86 -32.99
C SER D 58 16.86 -1.48 -33.51
N SER D 59 18.08 -1.38 -34.04
CA SER D 59 18.59 -0.16 -34.65
C SER D 59 17.81 0.16 -35.91
N GLN D 60 17.35 -0.87 -36.64
CA GLN D 60 16.53 -0.60 -37.82
C GLN D 60 15.26 0.13 -37.39
N ARG D 61 14.48 -0.48 -36.49
CA ARG D 61 13.24 0.12 -36.01
C ARG D 61 13.43 1.09 -34.85
N LYS D 62 14.65 1.18 -34.30
CA LYS D 62 14.94 2.08 -33.16
C LYS D 62 13.98 1.82 -31.99
N SER D 63 13.79 0.55 -31.66
CA SER D 63 12.82 0.18 -30.63
C SER D 63 13.18 -1.17 -30.03
N TRP D 64 12.67 -1.46 -28.83
CA TRP D 64 13.02 -2.71 -28.18
C TRP D 64 11.95 -3.77 -28.45
N HIS D 65 12.40 -5.02 -28.62
CA HIS D 65 11.57 -6.15 -28.98
C HIS D 65 11.98 -7.46 -28.33
N PRO D 66 11.03 -8.26 -27.86
CA PRO D 66 11.38 -9.54 -27.23
C PRO D 66 11.90 -10.54 -28.26
N VAL D 67 12.63 -11.52 -27.76
CA VAL D 67 13.21 -12.59 -28.56
C VAL D 67 12.28 -13.79 -28.56
N CYS D 68 11.94 -14.29 -29.76
CA CYS D 68 11.17 -15.52 -29.85
C CYS D 68 11.89 -16.67 -29.17
N GLN D 69 11.12 -17.51 -28.48
CA GLN D 69 11.61 -18.77 -27.92
C GLN D 69 12.07 -19.76 -28.99
N ASP D 70 11.61 -19.61 -30.24
CA ASP D 70 11.96 -20.50 -31.33
C ASP D 70 13.45 -20.84 -31.36
N ASP D 71 13.78 -22.12 -31.18
CA ASP D 71 15.14 -22.63 -31.33
C ASP D 71 16.11 -22.07 -30.30
N TRP D 72 15.61 -21.32 -29.32
CA TRP D 72 16.44 -20.82 -28.24
C TRP D 72 16.86 -21.97 -27.33
N ASN D 73 17.98 -21.77 -26.64
CA ASN D 73 18.48 -22.75 -25.70
C ASN D 73 19.32 -22.03 -24.65
N GLU D 74 19.98 -22.81 -23.79
CA GLU D 74 20.69 -22.24 -22.65
C GLU D 74 21.92 -21.45 -23.07
N ASN D 75 22.62 -21.87 -24.12
CA ASN D 75 23.81 -21.15 -24.55
C ASN D 75 23.49 -19.72 -24.98
N TYR D 76 22.39 -19.52 -25.71
CA TYR D 76 21.99 -18.15 -26.06
C TYR D 76 21.65 -17.34 -24.81
N GLY D 77 20.93 -17.96 -23.87
CA GLY D 77 20.58 -17.25 -22.64
C GLY D 77 21.81 -16.85 -21.85
N ARG D 78 22.78 -17.76 -21.75
CA ARG D 78 24.03 -17.49 -21.05
C ARG D 78 24.81 -16.38 -21.76
N ALA D 79 24.84 -16.42 -23.09
CA ALA D 79 25.47 -15.34 -23.86
C ALA D 79 24.85 -13.99 -23.50
N ALA D 80 23.52 -13.94 -23.47
CA ALA D 80 22.84 -12.69 -23.15
C ALA D 80 23.17 -12.25 -21.72
N CYS D 81 23.17 -13.20 -20.79
CA CYS D 81 23.52 -12.89 -19.41
C CYS D 81 24.93 -12.32 -19.33
N ARG D 82 25.87 -12.91 -20.06
CA ARG D 82 27.23 -12.38 -20.14
C ARG D 82 27.22 -10.95 -20.64
N ASP D 83 26.49 -10.70 -21.74
CA ASP D 83 26.41 -9.35 -22.29
C ASP D 83 25.84 -8.37 -21.29
N MET D 84 24.97 -8.85 -20.39
CA MET D 84 24.41 -8.02 -19.33
C MET D 84 25.33 -7.81 -18.14
N GLY D 85 26.49 -8.46 -18.08
CA GLY D 85 27.39 -8.26 -16.96
C GLY D 85 27.37 -9.33 -15.88
N TYR D 86 26.60 -10.40 -16.04
CA TYR D 86 26.46 -11.42 -15.02
C TYR D 86 27.52 -12.52 -15.11
N LYS D 87 28.51 -12.37 -16.00
CA LYS D 87 29.67 -13.27 -16.03
C LYS D 87 29.21 -14.70 -16.28
N ASN D 88 29.39 -15.58 -15.29
CA ASN D 88 29.09 -16.99 -15.47
C ASN D 88 27.79 -17.40 -14.80
N ASN D 89 27.10 -16.47 -14.16
CA ASN D 89 25.80 -16.75 -13.58
C ASN D 89 24.76 -17.05 -14.66
N PHE D 90 23.88 -18.00 -14.37
CA PHE D 90 22.71 -18.27 -15.21
C PHE D 90 21.70 -19.02 -14.34
N TYR D 91 20.46 -18.53 -14.29
CA TYR D 91 19.45 -19.19 -13.48
C TYR D 91 18.47 -20.00 -14.32
N SER D 92 17.72 -19.36 -15.23
CA SER D 92 16.68 -20.08 -15.96
C SER D 92 16.29 -19.32 -17.22
N SER D 93 15.75 -20.06 -18.18
CA SER D 93 15.19 -19.45 -19.39
C SER D 93 14.04 -20.32 -19.88
N GLN D 94 12.88 -19.69 -20.10
CA GLN D 94 11.74 -20.39 -20.68
C GLN D 94 10.93 -19.44 -21.53
N GLY D 95 10.11 -20.00 -22.43
CA GLY D 95 9.18 -19.19 -23.21
C GLY D 95 7.90 -18.86 -22.46
N ILE D 96 7.44 -17.61 -22.63
CA ILE D 96 6.19 -17.14 -22.02
C ILE D 96 5.44 -16.27 -23.03
N VAL D 97 4.15 -16.05 -22.75
CA VAL D 97 3.35 -15.09 -23.50
C VAL D 97 3.82 -13.65 -23.24
N ASP D 98 4.07 -12.92 -24.32
CA ASP D 98 4.56 -11.53 -24.26
C ASP D 98 3.55 -10.61 -23.58
N ASP D 99 3.84 -10.12 -22.38
CA ASP D 99 3.01 -9.11 -21.73
C ASP D 99 3.60 -7.69 -21.83
N SER D 100 4.45 -7.44 -22.82
CA SER D 100 5.05 -6.12 -23.01
C SER D 100 4.30 -5.23 -24.00
N GLY D 101 3.31 -5.76 -24.72
CA GLY D 101 2.55 -4.95 -25.65
C GLY D 101 3.11 -4.88 -27.06
N SER D 102 4.32 -5.39 -27.27
CA SER D 102 5.06 -5.15 -28.51
C SER D 102 4.32 -5.73 -29.71
N THR D 103 4.73 -5.28 -30.90
CA THR D 103 4.07 -5.64 -32.15
C THR D 103 5.03 -6.22 -33.17
N SER D 104 6.33 -6.22 -32.89
CA SER D 104 7.34 -6.86 -33.71
C SER D 104 8.32 -7.56 -32.78
N PHE D 105 8.93 -8.64 -33.27
CA PHE D 105 9.71 -9.51 -32.41
C PHE D 105 11.04 -9.83 -33.08
N MET D 106 11.98 -10.31 -32.27
CA MET D 106 13.28 -10.74 -32.74
C MET D 106 13.38 -12.26 -32.80
N LYS D 107 13.78 -12.77 -33.96
CA LYS D 107 13.85 -14.19 -34.23
C LYS D 107 15.29 -14.55 -34.59
N LEU D 108 15.76 -15.69 -34.09
CA LEU D 108 17.11 -16.16 -34.39
C LEU D 108 17.25 -16.51 -35.86
N LYS D 119 23.35 -12.27 -30.92
CA LYS D 119 24.08 -11.32 -31.75
C LYS D 119 23.19 -10.79 -32.86
N LYS D 120 23.01 -11.58 -33.91
CA LYS D 120 22.22 -11.21 -35.06
C LYS D 120 20.87 -11.94 -35.01
N LEU D 121 19.83 -11.19 -35.31
CA LEU D 121 18.41 -11.39 -35.00
C LEU D 121 17.67 -10.64 -36.09
N TYR D 122 16.49 -11.12 -36.48
CA TYR D 122 15.78 -10.32 -37.45
C TYR D 122 14.33 -10.21 -37.05
N HIS D 123 13.69 -9.22 -37.66
CA HIS D 123 12.32 -8.90 -37.31
C HIS D 123 11.35 -9.91 -37.88
N SER D 124 10.38 -10.27 -37.04
CA SER D 124 9.35 -11.22 -37.39
C SER D 124 8.07 -10.77 -36.71
N ASP D 125 6.96 -10.90 -37.44
CA ASP D 125 5.65 -10.54 -36.93
C ASP D 125 5.10 -11.60 -35.98
N ALA D 126 5.65 -12.80 -36.01
CA ALA D 126 5.19 -13.88 -35.17
C ALA D 126 6.35 -14.75 -34.73
N CYS D 127 6.12 -15.46 -33.64
CA CYS D 127 7.01 -16.51 -33.15
C CYS D 127 6.37 -17.85 -33.47
N SER D 128 7.13 -18.76 -34.07
CA SER D 128 6.54 -20.04 -34.44
C SER D 128 6.11 -20.81 -33.22
N SER D 129 6.84 -20.68 -32.11
CA SER D 129 6.46 -21.30 -30.86
C SER D 129 5.48 -20.46 -30.05
N LYS D 130 5.08 -19.28 -30.55
CA LYS D 130 4.08 -18.42 -29.88
C LYS D 130 4.49 -18.07 -28.46
N ALA D 131 5.79 -17.89 -28.26
CA ALA D 131 6.30 -17.49 -26.95
C ALA D 131 7.57 -16.67 -27.16
N VAL D 132 7.90 -15.89 -26.14
CA VAL D 132 9.11 -15.06 -26.11
C VAL D 132 9.97 -15.49 -24.94
N VAL D 133 11.26 -15.17 -25.03
CA VAL D 133 12.24 -15.64 -24.05
C VAL D 133 12.09 -14.85 -22.76
N SER D 134 11.97 -15.58 -21.65
CA SER D 134 12.08 -15.05 -20.31
C SER D 134 13.36 -15.61 -19.71
N LEU D 135 14.22 -14.72 -19.23
CA LEU D 135 15.60 -15.05 -18.90
C LEU D 135 15.95 -14.47 -17.54
N ARG D 136 16.40 -15.33 -16.62
CA ARG D 136 16.87 -14.94 -15.30
C ARG D 136 18.32 -15.37 -15.20
N CYS D 137 19.21 -14.41 -14.95
CA CYS D 137 20.64 -14.64 -14.92
C CYS D 137 21.18 -15.02 -13.56
N ILE D 138 20.42 -14.84 -12.49
CA ILE D 138 20.91 -15.17 -11.16
C ILE D 138 19.72 -15.47 -10.25
N ALA D 139 19.91 -16.43 -9.35
CA ALA D 139 18.93 -16.68 -8.31
C ALA D 139 18.95 -15.52 -7.33
N CYS D 140 17.81 -14.82 -7.22
CA CYS D 140 17.72 -13.63 -6.40
C CYS D 140 16.28 -13.45 -5.93
N GLY D 141 16.10 -12.52 -5.00
CA GLY D 141 14.76 -12.14 -4.60
C GLY D 141 14.03 -13.13 -3.73
N VAL D 142 14.75 -14.02 -3.06
CA VAL D 142 14.15 -14.99 -2.15
C VAL D 142 14.62 -14.62 -0.74
N ASN D 143 13.67 -14.67 0.19
CA ASN D 143 13.90 -14.47 1.62
C ASN D 143 13.16 -15.53 2.42
N LEU D 144 13.13 -15.36 3.73
CA LEU D 144 12.40 -16.29 4.60
C LEU D 144 10.90 -16.12 4.39
N ASN D 145 10.26 -17.23 4.02
CA ASN D 145 8.83 -17.33 3.71
C ASN D 145 8.47 -16.55 2.46
N GLU D 156 9.40 -4.46 14.18
CA GLU D 156 10.23 -4.98 15.26
C GLU D 156 11.52 -5.60 14.73
N SER D 157 12.16 -6.40 15.57
CA SER D 157 13.48 -6.94 15.26
C SER D 157 13.40 -7.99 14.16
N ALA D 158 14.34 -7.95 13.23
CA ALA D 158 14.26 -8.82 12.06
C ALA D 158 14.85 -10.18 12.41
N LEU D 159 14.25 -11.22 11.84
CA LEU D 159 14.76 -12.57 11.98
C LEU D 159 15.93 -12.84 11.05
N PRO D 160 16.79 -13.79 11.40
CA PRO D 160 17.83 -14.24 10.47
C PRO D 160 17.22 -14.71 9.15
N GLY D 161 17.81 -14.26 8.04
CA GLY D 161 17.35 -14.66 6.73
C GLY D 161 16.13 -13.94 6.21
N ALA D 162 15.55 -13.03 7.00
CA ALA D 162 14.42 -12.24 6.53
C ALA D 162 14.84 -11.30 5.41
N TRP D 163 15.99 -10.64 5.56
CA TRP D 163 16.50 -9.66 4.60
C TRP D 163 17.93 -10.04 4.26
N PRO D 164 18.13 -11.13 3.51
CA PRO D 164 19.48 -11.70 3.37
C PRO D 164 20.38 -10.91 2.43
N TRP D 165 19.87 -9.92 1.71
CA TRP D 165 20.70 -9.05 0.90
C TRP D 165 21.26 -7.87 1.68
N GLN D 166 20.81 -7.69 2.92
CA GLN D 166 21.19 -6.51 3.70
C GLN D 166 22.64 -6.64 4.15
N VAL D 167 23.45 -5.61 3.89
CA VAL D 167 24.78 -5.59 4.49
C VAL D 167 24.93 -4.27 5.24
N SER D 168 25.89 -4.28 6.17
CA SER D 168 26.30 -3.11 6.92
C SER D 168 27.69 -2.73 6.49
N LEU D 169 27.90 -1.45 6.17
CA LEU D 169 29.16 -0.96 5.63
C LEU D 169 29.79 -0.07 6.68
N HIS D 170 30.99 -0.45 7.11
CA HIS D 170 31.73 0.18 8.19
C HIS D 170 33.01 0.85 7.71
N VAL D 171 33.33 1.95 8.37
CA VAL D 171 34.64 2.59 8.29
C VAL D 171 35.07 2.83 9.73
N GLN D 172 36.36 2.63 10.01
CA GLN D 172 36.91 2.91 11.33
C GLN D 172 36.08 2.26 12.44
N ASN D 173 35.66 1.01 12.18
CA ASN D 173 34.94 0.16 13.14
C ASN D 173 33.56 0.69 13.53
N VAL D 174 32.94 1.51 12.68
CA VAL D 174 31.67 2.16 12.98
C VAL D 174 30.77 1.91 11.76
N HIS D 175 29.53 1.49 12.01
CA HIS D 175 28.55 1.42 10.94
C HIS D 175 28.31 2.81 10.36
N VAL D 176 28.58 2.94 9.06
CA VAL D 176 28.41 4.20 8.35
C VAL D 176 27.23 4.14 7.38
N CYS D 177 27.05 3.02 6.69
CA CYS D 177 26.00 2.97 5.68
C CYS D 177 25.44 1.55 5.60
N GLY D 178 24.37 1.40 4.82
CA GLY D 178 23.84 0.10 4.48
C GLY D 178 24.08 -0.21 3.01
N GLY D 179 23.76 -1.45 2.64
CA GLY D 179 23.84 -1.81 1.24
C GLY D 179 23.05 -3.05 0.93
N SER D 180 22.99 -3.38 -0.37
CA SER D 180 22.23 -4.52 -0.86
C SER D 180 23.06 -5.40 -1.77
N ILE D 181 23.08 -6.69 -1.46
CA ILE D 181 23.80 -7.69 -2.27
C ILE D 181 23.01 -7.98 -3.53
N ILE D 182 23.67 -7.89 -4.69
CA ILE D 182 23.04 -8.34 -5.93
C ILE D 182 23.76 -9.50 -6.59
N THR D 183 25.05 -9.72 -6.31
CA THR D 183 25.78 -10.93 -6.71
C THR D 183 26.69 -11.29 -5.54
N PRO D 184 27.43 -12.42 -5.57
CA PRO D 184 28.37 -12.69 -4.48
C PRO D 184 29.44 -11.63 -4.31
N GLU D 185 29.68 -10.79 -5.32
CA GLU D 185 30.75 -9.81 -5.25
C GLU D 185 30.30 -8.35 -5.24
N TRP D 186 29.07 -8.05 -5.66
CA TRP D 186 28.66 -6.68 -5.90
C TRP D 186 27.57 -6.25 -4.93
N ILE D 187 27.71 -5.03 -4.40
CA ILE D 187 26.78 -4.43 -3.45
C ILE D 187 26.34 -3.08 -4.01
N VAL D 188 25.03 -2.82 -4.00
CA VAL D 188 24.51 -1.50 -4.32
C VAL D 188 24.43 -0.67 -3.04
N THR D 189 24.90 0.57 -3.11
CA THR D 189 24.78 1.51 -1.99
C THR D 189 24.62 2.92 -2.56
N ALA D 190 24.74 3.93 -1.71
CA ALA D 190 24.60 5.33 -2.10
C ALA D 190 25.96 5.94 -2.41
N ALA D 191 25.99 6.80 -3.43
CA ALA D 191 27.22 7.53 -3.74
C ALA D 191 27.66 8.43 -2.60
N HIS D 192 26.72 9.02 -1.85
CA HIS D 192 27.15 9.94 -0.80
C HIS D 192 27.77 9.19 0.36
N CYS D 193 27.56 7.87 0.46
CA CYS D 193 28.30 7.07 1.42
C CYS D 193 29.80 7.15 1.15
N VAL D 194 30.21 7.20 -0.11
CA VAL D 194 31.61 7.03 -0.43
C VAL D 194 32.24 8.35 -0.87
N GLU D 195 31.58 9.46 -0.52
CA GLU D 195 32.15 10.81 -0.64
C GLU D 195 33.41 10.91 0.19
N LYS D 196 34.37 11.67 -0.30
CA LYS D 196 35.59 11.90 0.48
C LYS D 196 35.21 12.34 1.89
N PRO D 197 35.92 11.88 2.92
CA PRO D 197 37.17 11.12 2.90
C PRO D 197 36.97 9.60 2.78
N LEU D 198 35.77 9.12 2.45
CA LEU D 198 35.49 7.69 2.35
C LEU D 198 35.47 7.17 0.92
N ASN D 199 36.23 7.75 -0.01
CA ASN D 199 36.24 7.22 -1.37
C ASN D 199 37.24 6.09 -1.59
N ASN D 200 38.16 5.86 -0.66
CA ASN D 200 39.15 4.80 -0.80
C ASN D 200 38.47 3.48 -0.47
N PRO D 201 38.49 2.49 -1.38
CA PRO D 201 37.81 1.22 -1.06
C PRO D 201 38.38 0.53 0.17
N TRP D 202 39.64 0.79 0.49
CA TRP D 202 40.31 0.15 1.61
C TRP D 202 39.79 0.63 2.96
N HIS D 203 39.02 1.73 3.00
CA HIS D 203 38.44 2.20 4.25
C HIS D 203 37.31 1.30 4.72
N TRP D 204 36.69 0.54 3.82
CA TRP D 204 35.38 -0.05 4.06
C TRP D 204 35.47 -1.53 4.39
N THR D 205 34.58 -1.98 5.28
CA THR D 205 34.31 -3.38 5.48
C THR D 205 32.81 -3.62 5.35
N ALA D 206 32.43 -4.72 4.71
CA ALA D 206 31.03 -5.11 4.58
C ALA D 206 30.76 -6.29 5.48
N PHE D 207 29.66 -6.22 6.22
CA PHE D 207 29.22 -7.30 7.10
C PHE D 207 27.88 -7.81 6.60
N ALA D 208 27.83 -9.11 6.30
CA ALA D 208 26.66 -9.76 5.75
C ALA D 208 26.22 -10.88 6.68
N GLY D 209 24.92 -11.12 6.74
CA GLY D 209 24.42 -12.25 7.49
C GLY D 209 24.48 -12.11 8.99
N ILE D 210 24.75 -10.92 9.52
CA ILE D 210 24.91 -10.69 10.95
C ILE D 210 23.91 -9.64 11.37
N LEU D 211 23.09 -9.96 12.36
CA LEU D 211 22.03 -9.05 12.78
C LEU D 211 22.47 -8.02 13.80
N ARG D 212 23.49 -8.32 14.62
CA ARG D 212 23.88 -7.46 15.72
C ARG D 212 25.17 -6.71 15.38
N GLN D 213 25.14 -5.39 15.54
CA GLN D 213 26.34 -4.57 15.36
C GLN D 213 27.50 -5.02 16.23
N SER D 214 27.23 -5.52 17.44
CA SER D 214 28.34 -5.88 18.31
C SER D 214 29.11 -7.08 17.79
N PHE D 215 28.54 -7.87 16.88
CA PHE D 215 29.25 -8.98 16.26
C PHE D 215 29.88 -8.61 14.93
N MET D 216 29.89 -7.33 14.58
CA MET D 216 30.54 -6.84 13.37
C MET D 216 31.90 -6.24 13.76
N PHE D 217 32.89 -7.10 13.91
CA PHE D 217 34.21 -6.70 14.34
C PHE D 217 35.24 -7.14 13.30
N TYR D 218 36.48 -6.66 13.49
CA TYR D 218 37.55 -6.94 12.54
C TYR D 218 37.74 -8.44 12.38
N GLY D 219 37.61 -8.92 11.15
CA GLY D 219 37.71 -10.34 10.85
C GLY D 219 36.40 -11.01 10.51
N ALA D 220 35.26 -10.40 10.86
CA ALA D 220 33.97 -11.03 10.64
C ALA D 220 33.35 -10.65 9.31
N GLY D 221 33.85 -9.59 8.66
CA GLY D 221 33.31 -9.08 7.44
C GLY D 221 34.20 -9.38 6.24
N TYR D 222 33.99 -8.61 5.17
CA TYR D 222 34.63 -8.81 3.89
C TYR D 222 35.26 -7.51 3.42
N GLN D 223 36.48 -7.61 2.92
CA GLN D 223 37.18 -6.45 2.40
C GLN D 223 36.61 -6.05 1.05
N VAL D 224 36.66 -4.75 0.78
CA VAL D 224 36.11 -4.18 -0.44
C VAL D 224 37.27 -3.90 -1.38
N GLU D 225 37.11 -4.29 -2.64
CA GLU D 225 38.13 -4.11 -3.67
C GLU D 225 37.89 -2.85 -4.48
N LYS D 226 36.64 -2.52 -4.79
CA LYS D 226 36.39 -1.38 -5.66
C LYS D 226 35.18 -0.61 -5.15
N VAL D 227 35.24 0.71 -5.31
CA VAL D 227 34.12 1.61 -5.06
C VAL D 227 33.90 2.42 -6.33
N ILE D 228 32.70 2.35 -6.88
CA ILE D 228 32.37 3.04 -8.12
C ILE D 228 31.14 3.91 -7.87
N SER D 229 31.30 5.23 -7.93
CA SER D 229 30.16 6.11 -7.85
C SER D 229 29.60 6.36 -9.24
N HIS D 230 28.31 6.61 -9.30
CA HIS D 230 27.68 6.95 -10.57
C HIS D 230 28.40 8.17 -11.15
N PRO D 231 28.79 8.14 -12.43
CA PRO D 231 29.60 9.25 -12.97
C PRO D 231 28.86 10.57 -13.03
N ASN D 232 27.53 10.55 -12.97
CA ASN D 232 26.74 11.78 -12.94
C ASN D 232 26.23 12.11 -11.54
N TYR D 233 26.75 11.45 -10.51
CA TYR D 233 26.42 11.85 -9.15
C TYR D 233 26.75 13.31 -8.93
N ASP D 234 25.79 14.06 -8.38
CA ASP D 234 25.97 15.47 -8.05
C ASP D 234 25.74 15.65 -6.56
N SER D 235 26.81 15.85 -5.81
CA SER D 235 26.71 15.95 -4.35
C SER D 235 25.93 17.18 -3.92
N LYS D 236 25.81 18.18 -4.78
CA LYS D 236 25.11 19.41 -4.42
C LYS D 236 23.61 19.14 -4.27
N THR D 237 23.04 18.35 -5.18
CA THR D 237 21.63 18.03 -5.18
C THR D 237 21.34 16.60 -4.73
N LYS D 238 22.37 15.79 -4.53
CA LYS D 238 22.26 14.34 -4.29
C LYS D 238 21.56 13.63 -5.45
N ASN D 239 21.57 14.24 -6.63
CA ASN D 239 21.09 13.58 -7.83
C ASN D 239 21.99 12.42 -8.22
N ASN D 240 21.38 11.33 -8.70
CA ASN D 240 22.09 10.11 -9.10
C ASN D 240 22.90 9.54 -7.94
N ASP D 241 22.23 9.34 -6.81
CA ASP D 241 22.91 8.97 -5.57
C ASP D 241 22.94 7.44 -5.49
N ILE D 242 23.84 6.84 -6.27
CA ILE D 242 23.99 5.39 -6.31
C ILE D 242 25.45 5.07 -6.57
N ALA D 243 25.91 3.96 -5.98
CA ALA D 243 27.27 3.49 -6.12
C ALA D 243 27.29 1.98 -6.01
N LEU D 244 28.37 1.38 -6.50
CA LEU D 244 28.62 -0.05 -6.41
C LEU D 244 29.87 -0.28 -5.59
N MET D 245 29.84 -1.31 -4.75
CA MET D 245 31.02 -1.80 -4.05
C MET D 245 31.30 -3.21 -4.53
N LYS D 246 32.54 -3.47 -4.93
CA LYS D 246 32.98 -4.81 -5.26
C LYS D 246 33.84 -5.35 -4.13
N LEU D 247 33.48 -6.52 -3.64
CA LEU D 247 34.21 -7.23 -2.60
C LEU D 247 35.44 -7.92 -3.18
N GLN D 248 36.48 -8.04 -2.35
CA GLN D 248 37.69 -8.70 -2.80
C GLN D 248 37.47 -10.19 -3.01
N LYS D 249 36.61 -10.81 -2.19
CA LYS D 249 36.28 -12.20 -2.41
C LYS D 249 34.77 -12.35 -2.60
N PRO D 250 34.32 -13.34 -3.37
CA PRO D 250 32.87 -13.59 -3.49
C PRO D 250 32.33 -14.12 -2.17
N LEU D 251 31.15 -13.64 -1.81
CA LEU D 251 30.38 -14.16 -0.67
C LEU D 251 29.90 -15.60 -0.92
N THR D 252 29.85 -16.39 0.15
CA THR D 252 29.19 -17.69 0.12
C THR D 252 27.73 -17.53 0.50
N PHE D 253 26.83 -17.95 -0.38
CA PHE D 253 25.40 -17.78 -0.13
C PHE D 253 24.85 -18.98 0.63
N ASN D 254 23.84 -18.70 1.45
CA ASN D 254 23.18 -19.68 2.29
C ASN D 254 21.81 -19.09 2.65
N ASP D 255 21.18 -19.65 3.69
CA ASP D 255 19.89 -19.12 4.13
C ASP D 255 20.00 -17.68 4.63
N LEU D 256 21.18 -17.26 5.08
CA LEU D 256 21.33 -15.97 5.74
C LEU D 256 21.85 -14.89 4.80
N VAL D 257 22.45 -15.28 3.66
CA VAL D 257 23.10 -14.36 2.74
C VAL D 257 22.66 -14.74 1.34
N LYS D 258 21.91 -13.86 0.68
CA LYS D 258 21.38 -14.09 -0.66
C LYS D 258 21.19 -12.75 -1.33
N PRO D 259 21.13 -12.72 -2.67
CA PRO D 259 20.96 -11.43 -3.35
C PRO D 259 19.50 -11.05 -3.54
N VAL D 260 19.30 -9.74 -3.66
CA VAL D 260 18.05 -9.13 -4.11
C VAL D 260 18.13 -8.99 -5.62
N CYS D 261 16.98 -9.01 -6.30
CA CYS D 261 16.97 -8.85 -7.74
C CYS D 261 17.06 -7.38 -8.12
N LEU D 262 17.83 -7.09 -9.16
CA LEU D 262 17.82 -5.76 -9.73
C LEU D 262 16.50 -5.53 -10.44
N PRO D 263 15.97 -4.30 -10.40
CA PRO D 263 14.67 -4.04 -11.05
C PRO D 263 14.82 -3.99 -12.55
N ASN D 264 13.83 -4.43 -13.20
CA ASN D 264 13.80 -4.37 -14.65
C ASN D 264 12.99 -3.17 -15.11
N PRO D 265 13.31 -2.58 -16.26
CA PRO D 265 12.36 -1.68 -16.91
C PRO D 265 10.96 -2.29 -16.91
N GLY D 266 9.94 -1.46 -16.73
CA GLY D 266 8.60 -1.98 -16.89
C GLY D 266 8.06 -2.73 -15.70
N MET D 267 8.49 -2.38 -14.47
CA MET D 267 7.95 -3.03 -13.28
C MET D 267 6.48 -2.71 -13.07
N MET D 268 6.03 -1.56 -13.57
CA MET D 268 4.63 -1.14 -13.47
C MET D 268 4.15 -1.13 -12.02
N LEU D 269 4.94 -0.54 -11.15
CA LEU D 269 4.60 -0.52 -9.73
C LEU D 269 3.42 0.41 -9.50
N GLN D 270 2.67 0.15 -8.43
CA GLN D 270 1.55 1.01 -8.13
CA GLN D 270 1.55 1.00 -8.05
C GLN D 270 2.04 2.40 -7.77
N PRO D 271 1.19 3.41 -7.92
CA PRO D 271 1.58 4.76 -7.47
C PRO D 271 2.02 4.78 -6.01
N GLU D 272 1.29 4.08 -5.15
CA GLU D 272 1.68 3.93 -3.76
C GLU D 272 2.02 2.48 -3.42
N GLN D 273 2.85 1.85 -4.25
CA GLN D 273 3.26 0.47 -4.05
C GLN D 273 3.77 0.25 -2.62
N LEU D 274 3.37 -0.86 -2.02
CA LEU D 274 3.83 -1.25 -0.69
C LEU D 274 5.25 -1.80 -0.79
N CYS D 275 6.18 -1.22 -0.03
CA CYS D 275 7.58 -1.60 -0.03
C CYS D 275 8.04 -1.82 1.40
N TRP D 276 9.26 -2.32 1.53
CA TRP D 276 9.90 -2.53 2.83
C TRP D 276 11.28 -1.89 2.83
N ILE D 277 11.66 -1.38 4.00
CA ILE D 277 13.01 -0.90 4.22
C ILE D 277 13.56 -1.66 5.41
N SER D 278 14.88 -1.86 5.41
CA SER D 278 15.53 -2.55 6.50
C SER D 278 16.83 -1.82 6.78
N GLY D 279 17.32 -1.95 8.00
CA GLY D 279 18.57 -1.34 8.35
C GLY D 279 18.75 -1.29 9.85
N TRP D 280 19.92 -0.79 10.24
CA TRP D 280 20.27 -0.55 11.64
C TRP D 280 20.11 0.92 12.00
N GLY D 281 19.37 1.68 11.21
CA GLY D 281 19.26 3.09 11.50
C GLY D 281 18.64 3.33 12.85
N ALA D 282 19.00 4.49 13.42
CA ALA D 282 18.46 4.96 14.69
C ALA D 282 16.94 4.77 14.71
N THR D 283 16.40 4.47 15.89
CA THR D 283 14.95 4.41 15.90
C THR D 283 14.46 5.81 16.20
N GLU D 284 15.06 6.47 17.17
CA GLU D 284 14.63 7.81 17.52
C GLU D 284 15.58 8.70 16.74
N GLU D 285 15.05 9.77 16.14
CA GLU D 285 15.93 10.66 15.37
C GLU D 285 17.16 11.04 16.18
N LYS D 286 16.99 11.30 17.47
CA LYS D 286 18.10 11.71 18.33
C LYS D 286 18.66 10.48 19.04
N GLY D 287 19.14 9.53 18.21
CA GLY D 287 19.67 8.30 18.75
C GLY D 287 20.81 7.73 17.93
N LYS D 288 21.43 6.71 18.50
CA LYS D 288 22.54 5.95 17.95
C LYS D 288 22.05 4.81 17.07
N THR D 289 22.94 4.33 16.21
CA THR D 289 22.67 3.18 15.36
C THR D 289 22.07 2.05 16.20
N SER D 290 20.98 1.45 15.71
CA SER D 290 20.41 0.30 16.39
C SER D 290 21.39 -0.87 16.41
N GLU D 291 21.46 -1.53 17.56
CA GLU D 291 22.27 -2.73 17.70
C GLU D 291 21.78 -3.84 16.77
N VAL D 292 20.47 -3.97 16.58
CA VAL D 292 19.92 -5.11 15.84
C VAL D 292 19.27 -4.60 14.56
N LEU D 293 19.24 -5.47 13.57
CA LEU D 293 18.59 -5.15 12.31
C LEU D 293 17.08 -5.03 12.48
N ASN D 294 16.53 -3.95 11.93
CA ASN D 294 15.10 -3.65 11.94
C ASN D 294 14.59 -3.50 10.51
N ALA D 295 13.26 -3.52 10.38
CA ALA D 295 12.62 -3.37 9.08
C ALA D 295 11.24 -2.76 9.30
N ALA D 296 10.72 -2.14 8.25
CA ALA D 296 9.42 -1.48 8.33
C ALA D 296 8.77 -1.42 6.96
N LYS D 297 7.44 -1.32 6.98
CA LYS D 297 6.65 -1.12 5.78
C LYS D 297 6.59 0.38 5.44
N VAL D 298 6.65 0.70 4.14
CA VAL D 298 6.46 2.07 3.66
C VAL D 298 5.66 2.04 2.37
N LEU D 299 4.98 3.14 2.05
CA LEU D 299 4.31 3.22 0.76
C LEU D 299 5.10 4.14 -0.15
N LEU D 300 5.15 3.81 -1.44
CA LEU D 300 5.65 4.76 -2.42
C LEU D 300 4.79 6.03 -2.40
N ILE D 301 5.43 7.15 -2.68
CA ILE D 301 4.75 8.44 -2.77
C ILE D 301 5.06 9.01 -4.15
N GLU D 302 4.00 9.38 -4.86
CA GLU D 302 4.12 9.86 -6.23
C GLU D 302 5.06 11.06 -6.27
N THR D 303 5.95 11.07 -7.26
CA THR D 303 6.95 12.15 -7.32
C THR D 303 6.28 13.51 -7.38
N GLN D 304 5.17 13.61 -8.12
CA GLN D 304 4.43 14.87 -8.18
C GLN D 304 3.93 15.28 -6.80
N ARG D 305 3.53 14.31 -5.98
CA ARG D 305 3.06 14.59 -4.64
C ARG D 305 4.23 14.91 -3.72
N CYS D 306 5.35 14.17 -3.89
CA CYS D 306 6.56 14.43 -3.12
C CYS D 306 7.14 15.82 -3.42
N ASN D 307 6.87 16.37 -4.58
CA ASN D 307 7.41 17.65 -4.99
C ASN D 307 6.52 18.83 -4.61
N SER D 308 5.41 18.57 -3.90
CA SER D 308 4.56 19.62 -3.33
C SER D 308 5.40 20.65 -2.56
N ARG D 309 4.93 21.91 -2.58
CA ARG D 309 5.61 22.96 -1.84
C ARG D 309 5.71 22.68 -0.33
N TYR D 310 4.87 21.81 0.19
CA TYR D 310 4.87 21.42 1.60
C TYR D 310 5.68 20.18 1.88
N VAL D 311 6.25 19.55 0.86
CA VAL D 311 7.07 18.37 1.06
C VAL D 311 8.47 18.78 0.61
N TYR D 312 8.91 18.33 -0.57
CA TYR D 312 10.28 18.64 -0.97
C TYR D 312 10.38 19.67 -2.09
N ASP D 313 9.25 20.23 -2.54
CA ASP D 313 9.21 21.45 -3.35
C ASP D 313 10.21 21.41 -4.52
N ASN D 314 10.05 20.39 -5.36
CA ASN D 314 10.78 20.24 -6.63
C ASN D 314 12.25 19.85 -6.44
N LEU D 315 12.64 19.35 -5.27
CA LEU D 315 13.97 18.76 -5.17
C LEU D 315 14.03 17.31 -5.62
N ILE D 316 12.90 16.68 -5.91
CA ILE D 316 12.88 15.27 -6.28
C ILE D 316 13.01 15.17 -7.80
N THR D 317 14.13 14.61 -8.25
CA THR D 317 14.44 14.47 -9.67
C THR D 317 13.98 13.11 -10.18
N PRO D 318 14.01 12.90 -11.51
CA PRO D 318 13.62 11.58 -12.05
C PRO D 318 14.49 10.43 -11.55
N ALA D 319 15.67 10.71 -11.02
CA ALA D 319 16.54 9.68 -10.45
C ALA D 319 16.27 9.43 -8.98
N MET D 320 15.16 9.97 -8.45
CA MET D 320 14.77 9.78 -7.06
C MET D 320 13.35 9.22 -6.99
N ILE D 321 13.07 8.49 -5.91
CA ILE D 321 11.70 8.14 -5.55
C ILE D 321 11.50 8.39 -4.07
N CYS D 322 10.25 8.67 -3.70
CA CYS D 322 9.88 8.91 -2.30
C CYS D 322 9.13 7.72 -1.71
N ALA D 323 9.38 7.46 -0.43
CA ALA D 323 8.67 6.39 0.26
C ALA D 323 8.52 6.73 1.74
N GLY D 324 7.41 6.28 2.31
CA GLY D 324 7.11 6.44 3.71
C GLY D 324 5.63 6.66 3.89
N PHE D 325 5.26 7.64 4.73
CA PHE D 325 3.89 8.08 4.97
C PHE D 325 3.94 9.57 5.22
N LEU D 326 3.13 10.33 4.48
CA LEU D 326 3.07 11.78 4.69
C LEU D 326 2.54 12.14 6.07
N GLN D 327 1.43 11.51 6.48
CA GLN D 327 0.69 11.92 7.66
C GLN D 327 1.11 11.08 8.87
N GLY D 328 1.50 11.75 9.95
CA GLY D 328 1.81 11.09 11.19
C GLY D 328 3.27 10.67 11.30
N ASN D 329 3.69 10.45 12.54
CA ASN D 329 5.06 10.02 12.83
C ASN D 329 5.06 8.49 12.89
N VAL D 330 5.34 7.87 11.73
CA VAL D 330 5.33 6.41 11.65
C VAL D 330 6.70 5.83 11.99
N ASP D 331 7.68 6.69 12.29
CA ASP D 331 9.03 6.28 12.65
C ASP D 331 9.63 5.35 11.60
N SER D 332 9.78 5.89 10.39
CA SER D 332 10.44 5.19 9.29
C SER D 332 11.95 5.39 9.31
N CYS D 333 12.56 5.35 10.50
CA CYS D 333 13.98 5.63 10.67
C CYS D 333 14.84 4.38 10.66
N GLN D 334 14.25 3.19 10.42
CA GLN D 334 14.99 1.95 10.49
C GLN D 334 16.06 1.85 9.40
N GLY D 335 15.89 2.55 8.29
CA GLY D 335 16.85 2.45 7.20
C GLY D 335 18.13 3.23 7.45
N ASP D 336 19.21 2.74 6.87
CA ASP D 336 20.50 3.41 6.85
C ASP D 336 20.71 4.04 5.47
N ALA D 337 21.57 5.05 5.42
CA ALA D 337 21.95 5.60 4.13
C ALA D 337 22.51 4.50 3.24
N GLY D 338 22.07 4.45 1.99
CA GLY D 338 22.57 3.44 1.08
C GLY D 338 21.83 2.12 1.14
N GLY D 339 21.00 1.89 2.17
CA GLY D 339 20.36 0.62 2.38
C GLY D 339 19.18 0.40 1.45
N PRO D 340 18.59 -0.78 1.56
CA PRO D 340 17.60 -1.19 0.57
C PRO D 340 16.20 -0.66 0.86
N LEU D 341 15.52 -0.32 -0.23
CA LEU D 341 14.08 -0.20 -0.31
C LEU D 341 13.62 -1.24 -1.31
N VAL D 342 12.85 -2.24 -0.86
CA VAL D 342 12.52 -3.39 -1.68
C VAL D 342 11.01 -3.55 -1.75
N THR D 343 10.56 -4.21 -2.82
CA THR D 343 9.15 -4.52 -2.96
C THR D 343 8.99 -5.94 -3.49
N SER D 344 7.88 -6.58 -3.11
CA SER D 344 7.58 -7.94 -3.54
C SER D 344 6.60 -7.86 -4.70
N LYS D 345 6.95 -8.48 -5.83
CA LYS D 345 6.05 -8.53 -6.97
C LYS D 345 6.37 -9.77 -7.79
N ASN D 346 5.32 -10.47 -8.21
CA ASN D 346 5.45 -11.74 -8.93
C ASN D 346 6.22 -12.76 -8.11
N ASN D 347 6.08 -12.68 -6.78
CA ASN D 347 6.79 -13.56 -5.85
C ASN D 347 8.30 -13.38 -5.95
N ILE D 348 8.75 -12.18 -6.31
CA ILE D 348 10.17 -11.86 -6.38
C ILE D 348 10.39 -10.57 -5.60
N TRP D 349 11.48 -10.52 -4.84
CA TRP D 349 11.87 -9.29 -4.15
C TRP D 349 12.78 -8.47 -5.03
N TRP D 350 12.42 -7.21 -5.23
CA TRP D 350 13.14 -6.33 -6.14
C TRP D 350 13.66 -5.12 -5.38
N LEU D 351 14.83 -4.65 -5.78
CA LEU D 351 15.50 -3.51 -5.16
C LEU D 351 15.01 -2.30 -5.93
N ILE D 352 14.15 -1.49 -5.32
CA ILE D 352 13.50 -0.40 -6.03
C ILE D 352 14.24 0.89 -5.74
N GLY D 353 14.82 0.99 -4.55
CA GLY D 353 15.58 2.17 -4.22
C GLY D 353 16.72 1.85 -3.29
N ASP D 354 17.64 2.79 -3.18
CA ASP D 354 18.65 2.82 -2.13
C ASP D 354 18.49 4.11 -1.34
N THR D 355 18.51 3.98 -0.01
CA THR D 355 18.24 5.12 0.86
C THR D 355 19.23 6.22 0.57
N SER D 356 18.73 7.43 0.35
CA SER D 356 19.58 8.54 -0.08
C SER D 356 19.48 9.69 0.91
N TRP D 357 18.36 10.38 1.02
CA TRP D 357 18.34 11.58 1.85
C TRP D 357 16.96 11.80 2.45
N GLY D 358 16.89 12.78 3.35
CA GLY D 358 15.66 13.01 4.11
C GLY D 358 15.82 12.63 5.58
N SER D 359 16.23 13.59 6.41
CA SER D 359 16.49 13.30 7.82
C SER D 359 15.23 13.12 8.64
N GLY D 360 14.11 13.71 8.21
CA GLY D 360 12.88 13.62 8.97
C GLY D 360 12.15 12.31 8.77
N CYS D 361 12.85 11.19 9.03
CA CYS D 361 12.27 9.87 8.90
C CYS D 361 11.14 9.60 9.89
N ALA D 362 10.96 10.44 10.90
CA ALA D 362 9.90 10.30 11.89
C ALA D 362 9.09 11.58 11.98
N LYS D 363 8.95 12.29 10.86
CA LYS D 363 8.27 13.56 10.81
C LYS D 363 7.29 13.60 9.64
N ALA D 364 6.18 14.29 9.85
CA ALA D 364 5.16 14.45 8.83
C ALA D 364 5.68 15.29 7.67
N TYR D 365 5.28 14.91 6.46
CA TYR D 365 5.62 15.66 5.23
C TYR D 365 7.11 15.68 4.94
N ARG D 366 7.84 14.69 5.44
CA ARG D 366 9.28 14.53 5.21
C ARG D 366 9.59 13.06 5.01
N PRO D 367 9.09 12.45 3.93
CA PRO D 367 9.34 11.02 3.71
C PRO D 367 10.78 10.79 3.28
N GLY D 368 11.14 9.51 3.20
CA GLY D 368 12.47 9.18 2.73
C GLY D 368 12.60 9.35 1.23
N VAL D 369 13.78 9.78 0.80
CA VAL D 369 14.11 9.90 -0.61
C VAL D 369 15.18 8.85 -0.91
N TYR D 370 15.01 8.17 -2.03
CA TYR D 370 15.80 7.01 -2.41
C TYR D 370 16.30 7.22 -3.83
N GLY D 371 17.51 6.75 -4.10
CA GLY D 371 17.93 6.64 -5.50
C GLY D 371 17.03 5.67 -6.25
N ASN D 372 16.68 6.04 -7.48
CA ASN D 372 15.72 5.27 -8.27
C ASN D 372 16.50 4.23 -9.06
N VAL D 373 16.64 3.04 -8.47
CA VAL D 373 17.59 2.03 -8.97
C VAL D 373 17.21 1.58 -10.38
N MET D 374 15.92 1.64 -10.72
CA MET D 374 15.45 1.24 -12.04
C MET D 374 16.19 1.98 -13.14
N VAL D 375 16.43 3.28 -12.96
CA VAL D 375 17.12 4.06 -13.99
C VAL D 375 18.62 3.85 -13.97
N PHE D 376 19.15 3.20 -12.94
CA PHE D 376 20.58 2.91 -12.82
C PHE D 376 20.94 1.47 -13.17
N THR D 377 19.95 0.62 -13.44
CA THR D 377 20.25 -0.79 -13.68
C THR D 377 21.16 -0.98 -14.88
N ASP D 378 20.97 -0.18 -15.94
CA ASP D 378 21.83 -0.30 -17.11
C ASP D 378 23.27 0.09 -16.78
N TRP D 379 23.45 1.14 -15.98
CA TRP D 379 24.79 1.50 -15.52
C TRP D 379 25.40 0.37 -14.70
N ILE D 380 24.61 -0.23 -13.82
CA ILE D 380 25.10 -1.32 -12.99
C ILE D 380 25.60 -2.46 -13.87
N TYR D 381 24.79 -2.85 -14.86
CA TYR D 381 25.20 -3.88 -15.81
C TYR D 381 26.51 -3.50 -16.49
N ARG D 382 26.63 -2.24 -16.93
CA ARG D 382 27.85 -1.80 -17.60
C ARG D 382 29.07 -1.96 -16.70
N GLN D 383 28.91 -1.63 -15.42
CA GLN D 383 30.02 -1.71 -14.48
C GLN D 383 30.41 -3.17 -14.24
N MET D 384 29.41 -4.03 -14.06
CA MET D 384 29.68 -5.45 -13.84
C MET D 384 30.39 -6.05 -15.05
N ARG D 385 29.99 -5.64 -16.25
CA ARG D 385 30.63 -6.15 -17.46
C ARG D 385 32.05 -5.64 -17.59
N ALA D 386 32.31 -4.40 -17.17
CA ALA D 386 33.64 -3.82 -17.31
C ALA D 386 34.64 -4.40 -16.32
N ASP D 387 34.17 -4.95 -15.21
CA ASP D 387 35.06 -5.55 -14.22
C ASP D 387 35.73 -6.82 -14.75
#